data_9GPA
#
_entry.id   9GPA
#
_cell.length_a   94.648
_cell.length_b   99.256
_cell.length_c   153.284
_cell.angle_alpha   90.000
_cell.angle_beta   90.000
_cell.angle_gamma   90.000
#
_symmetry.space_group_name_H-M   'I 2 2 2'
#
loop_
_entity.id
_entity.type
_entity.pdbx_description
1 polymer 'DUF5060 domain-containing protein'
2 non-polymer 'HEXAETHYLENE GLYCOL'
3 non-polymer 'TRIETHYLENE GLYCOL'
4 non-polymer 'TETRAETHYLENE GLYCOL'
5 non-polymer 2-AMINO-2-HYDROXYMETHYL-PROPANE-1,3-DIOL
6 non-polymer D-MALATE
7 non-polymer 'PENTAETHYLENE GLYCOL'
8 water water
#
_entity_poly.entity_id   1
_entity_poly.type   'polypeptide(L)'
_entity_poly.pdbx_seq_one_letter_code
;ESRYKDNRPLNILGIDISKMELGRYNLFEVSIFLQGSYLNPFDPQEIDVEGIFEDQYGNQYRVPGFFYQEYKRELKNDYE
YLVPVGDPYFKIRFSPINIGSYKFFIKVKDKTGREVSSDKYTIYVKESEKPGYIRVSEKNWRYFKFDNGRQFLPIGANIC
WATSKGTYDYDVWLPKCAENGGNYFRVWLGPSWATFALERESVKEYDLKNAWKLDYVLNLAEKLNMYIMFCFDSYNELRY
QKEGAYPYWEHTPHYEKNGGPLKEPKDFWTNNEMIKYYKNKLRYIVARYGYSTNVFAWEFWNEVDIISPTAFVIGEVKKW
HEDMAKYLNSIDPWKHLITTSFAFSPGKPEIDSISGLNFVQTHIYKSNRYIDALLSLIAYKEKYRKPHLVGEFGLDAGGN
DLWVDPNGYVIHNAIWTTILSGASGTAMSWWWDNHIHPNNLYFHYRALADFVKDINFLEEKFERLTNYKFNVYNREIKVI
GLQGKKYILLWLYNAKEAYQYKKDIPNMDSSKFLGSIELLIKPPIKVIYYDTYRGEKIKELDLDKNVIPIIEFERDLAIK
IELLGEGE
;
_entity_poly.pdbx_strand_id   A
#
loop_
_chem_comp.id
_chem_comp.type
_chem_comp.name
_chem_comp.formula
1PE non-polymer 'PENTAETHYLENE GLYCOL' 'C10 H22 O6'
MLT non-polymer D-MALATE 'C4 H6 O5'
P6G non-polymer 'HEXAETHYLENE GLYCOL' 'C12 H26 O7'
PG4 non-polymer 'TETRAETHYLENE GLYCOL' 'C8 H18 O5'
PGE non-polymer 'TRIETHYLENE GLYCOL' 'C6 H14 O4'
TRS non-polymer 2-AMINO-2-HYDROXYMETHYL-PROPANE-1,3-DIOL 'C4 H12 N O3 1'
#
# COMPACT_ATOMS: atom_id res chain seq x y z
N SER A 2 20.57 25.03 -4.45
CA SER A 2 21.74 24.64 -3.67
C SER A 2 21.84 25.39 -2.34
N ARG A 3 20.73 25.55 -1.64
CA ARG A 3 20.77 26.22 -0.34
C ARG A 3 21.59 25.45 0.68
N TYR A 4 21.75 24.14 0.49
CA TYR A 4 22.42 23.28 1.44
C TYR A 4 23.88 22.98 1.07
N LYS A 5 24.49 23.81 0.23
CA LYS A 5 25.81 23.54 -0.28
C LYS A 5 26.86 23.58 0.84
N ASP A 6 27.97 22.89 0.59
CA ASP A 6 29.14 22.95 1.45
C ASP A 6 30.39 22.98 0.57
N ASN A 7 31.47 23.55 1.10
CA ASN A 7 32.69 23.70 0.29
C ASN A 7 33.95 23.48 1.13
N ARG A 8 33.88 22.54 2.04
CA ARG A 8 34.97 22.25 2.97
C ARG A 8 35.58 20.89 2.67
N PRO A 9 36.79 20.63 3.17
CA PRO A 9 37.41 19.31 2.94
C PRO A 9 36.62 18.20 3.63
N LEU A 10 36.48 17.08 2.93
CA LEU A 10 35.58 16.02 3.38
C LEU A 10 36.08 15.41 4.68
N ASN A 11 35.23 15.45 5.71
CA ASN A 11 35.60 14.88 6.99
C ASN A 11 34.34 14.48 7.74
N ILE A 12 34.34 13.27 8.30
CA ILE A 12 33.33 12.94 9.29
C ILE A 12 33.67 13.67 10.58
N LEU A 13 32.69 14.33 11.16
CA LEU A 13 32.89 15.12 12.37
C LEU A 13 32.39 14.41 13.62
N GLY A 14 31.25 13.74 13.55
CA GLY A 14 30.76 12.99 14.69
C GLY A 14 29.65 12.05 14.27
N ILE A 15 29.48 10.99 15.05
CA ILE A 15 28.38 10.09 14.82
C ILE A 15 27.64 9.77 16.11
N ASP A 16 26.34 9.55 15.98
CA ASP A 16 25.50 9.07 17.06
C ASP A 16 24.82 7.78 16.63
N ILE A 17 24.81 6.78 17.52
CA ILE A 17 24.20 5.49 17.22
C ILE A 17 23.00 5.32 18.14
N SER A 18 21.84 4.94 17.56
CA SER A 18 20.60 4.94 18.32
C SER A 18 20.67 3.97 19.48
N LYS A 19 21.12 2.75 19.22
CA LYS A 19 21.21 1.72 20.24
C LYS A 19 22.16 0.65 19.70
N MET A 20 22.92 0.05 20.60
CA MET A 20 23.88 -0.97 20.17
C MET A 20 23.29 -2.38 20.20
N GLU A 21 22.11 -2.56 20.79
CA GLU A 21 21.40 -3.82 20.80
C GLU A 21 19.96 -3.53 20.42
N LEU A 22 19.38 -4.35 19.54
CA LEU A 22 18.03 -4.10 19.05
C LEU A 22 17.43 -5.40 18.55
N GLY A 23 16.12 -5.35 18.23
CA GLY A 23 15.41 -6.54 17.82
C GLY A 23 15.37 -6.73 16.32
N ARG A 24 15.13 -7.99 15.92
CA ARG A 24 14.97 -8.33 14.52
C ARG A 24 13.98 -7.37 13.85
N TYR A 25 14.37 -6.87 12.67
CA TYR A 25 13.54 -5.99 11.85
C TYR A 25 13.26 -4.64 12.50
N ASN A 26 13.94 -4.29 13.58
CA ASN A 26 13.77 -2.97 14.16
C ASN A 26 14.73 -1.98 13.50
N LEU A 27 14.42 -0.70 13.67
CA LEU A 27 15.24 0.36 13.11
C LEU A 27 16.51 0.58 13.92
N PHE A 28 17.64 0.55 13.23
CA PHE A 28 18.94 0.95 13.74
C PHE A 28 19.32 2.21 12.99
N GLU A 29 19.48 3.32 13.71
CA GLU A 29 19.66 4.63 13.07
C GLU A 29 21.00 5.22 13.46
N VAL A 30 21.78 5.64 12.48
CA VAL A 30 23.07 6.28 12.69
C VAL A 30 22.92 7.73 12.24
N SER A 31 23.36 8.66 13.05
CA SER A 31 23.28 10.08 12.70
C SER A 31 24.71 10.59 12.53
N ILE A 32 24.93 11.37 11.48
CA ILE A 32 26.30 11.74 11.08
C ILE A 32 26.38 13.24 10.88
N PHE A 33 27.33 13.88 11.57
CA PHE A 33 27.75 15.23 11.26
C PHE A 33 28.97 15.15 10.34
N LEU A 34 28.97 15.89 9.24
CA LEU A 34 30.13 15.89 8.37
C LEU A 34 30.24 17.24 7.70
N GLN A 35 31.42 17.47 7.14
CA GLN A 35 31.66 18.57 6.23
C GLN A 35 32.24 18.01 4.94
N GLY A 36 32.00 18.71 3.85
CA GLY A 36 32.53 18.24 2.58
C GLY A 36 32.22 19.24 1.48
N SER A 37 32.44 18.81 0.26
CA SER A 37 32.27 19.66 -0.91
C SER A 37 31.12 19.09 -1.74
N TYR A 38 29.99 19.79 -1.75
CA TYR A 38 28.84 19.35 -2.52
C TYR A 38 27.87 20.50 -2.72
N LEU A 39 27.23 20.51 -3.89
CA LEU A 39 26.23 21.52 -4.17
C LEU A 39 24.83 21.08 -3.78
N ASN A 40 24.60 19.78 -3.64
CA ASN A 40 23.27 19.22 -3.50
C ASN A 40 23.39 17.94 -2.69
N PRO A 41 22.95 17.94 -1.42
CA PRO A 41 23.10 16.73 -0.58
C PRO A 41 22.18 15.59 -0.97
N PHE A 42 21.28 15.82 -1.93
CA PHE A 42 20.38 14.79 -2.42
C PHE A 42 20.93 14.08 -3.65
N ASP A 43 22.09 14.50 -4.13
CA ASP A 43 22.67 13.97 -5.36
C ASP A 43 23.91 13.16 -5.04
N PRO A 44 23.94 11.85 -5.30
CA PRO A 44 25.10 11.04 -4.91
C PRO A 44 26.38 11.37 -5.70
N GLN A 45 26.26 12.03 -6.85
CA GLN A 45 27.44 12.51 -7.56
C GLN A 45 28.08 13.69 -6.86
N GLU A 46 27.33 14.38 -6.01
CA GLU A 46 27.88 15.47 -5.22
C GLU A 46 28.38 14.99 -3.86
N ILE A 47 27.58 14.22 -3.15
CA ILE A 47 28.02 13.56 -1.92
C ILE A 47 27.31 12.21 -1.80
N ASP A 48 28.06 11.17 -1.47
CA ASP A 48 27.55 9.79 -1.42
C ASP A 48 27.88 9.27 -0.02
N VAL A 49 26.89 9.17 0.84
CA VAL A 49 27.04 8.59 2.17
C VAL A 49 26.53 7.17 2.10
N GLU A 50 27.25 6.21 2.69
CA GLU A 50 26.81 4.81 2.67
C GLU A 50 27.16 4.14 3.99
N GLY A 51 26.24 3.32 4.51
CA GLY A 51 26.56 2.34 5.54
C GLY A 51 26.75 0.94 4.99
N ILE A 52 27.84 0.30 5.35
CA ILE A 52 28.11 -1.05 4.91
C ILE A 52 27.96 -1.96 6.12
N PHE A 53 26.99 -2.88 6.06
CA PHE A 53 26.62 -3.73 7.19
C PHE A 53 26.81 -5.19 6.79
N GLU A 54 27.31 -5.99 7.72
CA GLU A 54 27.50 -7.41 7.47
C GLU A 54 27.08 -8.20 8.70
N ASP A 55 26.25 -9.25 8.49
CA ASP A 55 25.81 -10.13 9.57
C ASP A 55 26.89 -11.20 9.75
N GLN A 56 26.62 -12.20 10.57
CA GLN A 56 27.57 -13.28 10.79
C GLN A 56 27.28 -14.48 9.91
N TYR A 57 26.54 -14.28 8.84
CA TYR A 57 26.10 -15.36 7.96
C TYR A 57 26.46 -15.07 6.51
N GLY A 58 27.34 -14.10 6.28
CA GLY A 58 27.81 -13.85 4.94
C GLY A 58 27.00 -12.85 4.14
N ASN A 59 26.03 -12.18 4.74
CA ASN A 59 25.23 -11.20 4.01
C ASN A 59 25.75 -9.79 4.27
N GLN A 60 26.00 -9.07 3.20
CA GLN A 60 26.36 -7.66 3.25
C GLN A 60 25.20 -6.80 2.74
N TYR A 61 25.00 -5.66 3.40
CA TYR A 61 24.00 -4.67 3.04
C TYR A 61 24.70 -3.33 2.79
N ARG A 62 24.47 -2.75 1.61
CA ARG A 62 25.02 -1.45 1.25
C ARG A 62 23.85 -0.48 1.30
N VAL A 63 23.80 0.33 2.37
CA VAL A 63 22.65 1.18 2.66
C VAL A 63 23.00 2.63 2.33
N PRO A 64 22.35 3.25 1.36
CA PRO A 64 22.61 4.67 1.11
C PRO A 64 22.15 5.50 2.29
N GLY A 65 22.89 6.57 2.58
CA GLY A 65 22.51 7.53 3.59
C GLY A 65 21.78 8.72 2.98
N PHE A 66 21.19 9.56 3.83
CA PHE A 66 20.32 10.62 3.32
C PHE A 66 20.36 11.84 4.22
N PHE A 67 20.09 12.99 3.62
CA PHE A 67 20.08 14.29 4.29
C PHE A 67 18.77 14.48 5.06
N TYR A 68 18.88 15.07 6.25
CA TYR A 68 17.82 15.07 7.24
C TYR A 68 17.79 16.42 7.95
N GLN A 69 16.59 16.96 8.14
CA GLN A 69 16.36 18.08 9.06
C GLN A 69 15.37 17.68 10.15
N GLU A 70 15.74 17.93 11.40
CA GLU A 70 14.81 17.70 12.50
C GLU A 70 13.80 18.83 12.60
N TYR A 71 12.57 18.47 12.95
CA TYR A 71 11.51 19.43 13.18
C TYR A 71 10.79 19.09 14.47
N LYS A 72 10.16 20.10 15.04
CA LYS A 72 9.20 19.97 16.12
C LYS A 72 7.84 20.37 15.58
N ARG A 73 6.86 19.47 15.69
CA ARG A 73 5.54 19.78 15.17
C ARG A 73 4.65 20.41 16.23
N GLU A 74 3.74 21.27 15.77
CA GLU A 74 2.66 21.78 16.60
C GLU A 74 1.41 21.93 15.76
N LEU A 75 0.27 21.87 16.42
CA LEU A 75 -1.00 22.16 15.75
C LEU A 75 -1.30 23.61 16.08
N LYS A 76 -0.93 24.49 15.16
CA LYS A 76 -1.04 25.94 15.32
C LYS A 76 -2.40 26.32 14.75
N ASN A 77 -3.34 26.66 15.64
CA ASN A 77 -4.69 26.88 15.16
C ASN A 77 -5.15 25.58 14.51
N ASP A 78 -5.52 25.61 13.23
CA ASP A 78 -6.11 24.44 12.56
C ASP A 78 -5.17 23.87 11.49
N TYR A 79 -3.87 24.12 11.59
CA TYR A 79 -2.92 23.60 10.64
C TYR A 79 -1.67 23.15 11.38
N GLU A 80 -1.04 22.13 10.82
CA GLU A 80 0.26 21.66 11.29
C GLU A 80 1.33 22.66 10.93
N TYR A 81 2.23 22.91 11.88
CA TYR A 81 3.33 23.85 11.73
C TYR A 81 4.59 23.15 12.23
N LEU A 82 5.61 23.11 11.38
CA LEU A 82 6.87 22.43 11.70
C LEU A 82 7.97 23.47 11.89
N VAL A 83 8.61 23.41 13.05
CA VAL A 83 9.69 24.32 13.43
C VAL A 83 11.00 23.57 13.30
N PRO A 84 11.97 24.07 12.53
CA PRO A 84 13.26 23.37 12.44
C PRO A 84 14.01 23.41 13.75
N VAL A 85 14.68 22.30 14.07
CA VAL A 85 15.45 22.14 15.29
C VAL A 85 16.86 21.76 14.86
N GLY A 86 17.82 22.63 15.16
CA GLY A 86 19.21 22.34 14.85
C GLY A 86 19.53 22.43 13.36
N ASP A 87 20.81 22.20 13.06
CA ASP A 87 21.28 22.14 11.68
C ASP A 87 20.89 20.80 11.04
N PRO A 88 20.71 20.77 9.72
CA PRO A 88 20.53 19.47 9.05
C PRO A 88 21.83 18.67 9.07
N TYR A 89 21.68 17.36 8.91
CA TYR A 89 22.79 16.43 8.94
C TYR A 89 22.40 15.18 8.15
N PHE A 90 23.24 14.14 8.21
CA PHE A 90 22.99 12.92 7.44
C PHE A 90 22.64 11.74 8.35
N LYS A 91 21.85 10.83 7.82
CA LYS A 91 21.47 9.65 8.57
C LYS A 91 21.65 8.41 7.71
N ILE A 92 21.79 7.28 8.39
CA ILE A 92 21.69 5.95 7.81
C ILE A 92 20.66 5.19 8.64
N ARG A 93 19.72 4.54 7.96
CA ARG A 93 18.65 3.76 8.59
C ARG A 93 18.72 2.32 8.11
N PHE A 94 18.90 1.38 9.05
CA PHE A 94 19.13 -0.03 8.77
C PHE A 94 18.13 -0.86 9.57
N SER A 95 17.84 -2.06 9.07
CA SER A 95 16.97 -3.03 9.74
C SER A 95 17.59 -4.40 9.52
N PRO A 96 17.84 -5.15 10.60
CA PRO A 96 18.47 -6.47 10.47
C PRO A 96 17.47 -7.59 10.21
N ILE A 97 17.78 -8.44 9.24
CA ILE A 97 16.94 -9.59 8.90
C ILE A 97 17.32 -10.76 9.79
N ASN A 98 18.60 -11.13 9.81
CA ASN A 98 19.07 -12.15 10.73
C ASN A 98 19.34 -11.56 12.10
N ILE A 99 19.22 -12.40 13.13
CA ILE A 99 19.67 -12.02 14.47
C ILE A 99 21.15 -12.31 14.58
N GLY A 100 21.72 -12.02 15.73
CA GLY A 100 23.14 -12.20 15.93
C GLY A 100 23.92 -10.91 15.81
N SER A 101 25.22 -11.07 15.64
CA SER A 101 26.12 -9.93 15.63
C SER A 101 26.26 -9.37 14.22
N TYR A 102 26.43 -8.07 14.14
CA TYR A 102 26.70 -7.36 12.89
C TYR A 102 27.91 -6.46 13.08
N LYS A 103 28.67 -6.23 12.01
CA LYS A 103 29.67 -5.18 11.96
C LYS A 103 29.24 -4.18 10.89
N PHE A 104 29.54 -2.90 11.09
CA PHE A 104 29.22 -1.91 10.05
C PHE A 104 30.26 -0.80 10.11
N PHE A 105 30.41 -0.11 8.98
CA PHE A 105 31.21 1.11 8.95
C PHE A 105 30.52 2.10 8.00
N ILE A 106 30.96 3.34 8.06
CA ILE A 106 30.41 4.44 7.26
C ILE A 106 31.46 4.83 6.23
N LYS A 107 31.01 5.05 5.01
CA LYS A 107 31.89 5.50 3.93
C LYS A 107 31.25 6.74 3.32
N VAL A 108 32.05 7.76 3.02
CA VAL A 108 31.58 8.99 2.38
C VAL A 108 32.56 9.37 1.29
N LYS A 109 31.99 9.77 0.14
CA LYS A 109 32.71 10.27 -1.02
C LYS A 109 32.03 11.53 -1.48
N ASP A 110 32.79 12.56 -1.85
CA ASP A 110 32.14 13.76 -2.36
C ASP A 110 32.65 14.05 -3.77
N LYS A 111 32.24 15.19 -4.31
CA LYS A 111 32.49 15.50 -5.71
C LYS A 111 33.97 15.63 -6.02
N THR A 112 34.81 15.83 -5.02
CA THR A 112 36.24 15.94 -5.29
C THR A 112 36.90 14.60 -5.55
N GLY A 113 36.18 13.50 -5.31
CA GLY A 113 36.77 12.19 -5.38
C GLY A 113 37.36 11.70 -4.06
N ARG A 114 37.54 12.60 -3.10
CA ARG A 114 38.01 12.20 -1.78
C ARG A 114 37.01 11.23 -1.16
N GLU A 115 37.53 10.19 -0.51
CA GLU A 115 36.74 9.22 0.24
C GLU A 115 37.25 9.15 1.67
N VAL A 116 36.32 9.08 2.63
CA VAL A 116 36.65 8.86 4.03
C VAL A 116 35.79 7.72 4.56
N SER A 117 36.26 7.10 5.62
CA SER A 117 35.51 6.00 6.21
C SER A 117 35.70 6.02 7.72
N SER A 118 34.75 5.43 8.41
CA SER A 118 34.87 5.19 9.83
C SER A 118 35.52 3.83 10.09
N ASP A 119 35.94 3.66 11.34
CA ASP A 119 36.23 2.36 11.90
C ASP A 119 34.98 1.48 11.85
N LYS A 120 35.17 0.20 12.14
CA LYS A 120 34.05 -0.73 12.20
C LYS A 120 33.46 -0.78 13.59
N TYR A 121 32.14 -0.86 13.66
CA TYR A 121 31.39 -0.92 14.91
C TYR A 121 30.61 -2.21 14.93
N THR A 122 30.40 -2.74 16.14
CA THR A 122 29.71 -4.02 16.33
C THR A 122 28.41 -3.78 17.07
N ILE A 123 27.34 -4.38 16.57
CA ILE A 123 26.02 -4.29 17.20
C ILE A 123 25.46 -5.71 17.30
N TYR A 124 24.47 -5.86 18.18
CA TYR A 124 23.88 -7.15 18.46
C TYR A 124 22.37 -7.12 18.26
N VAL A 125 21.85 -8.12 17.57
CA VAL A 125 20.43 -8.20 17.24
C VAL A 125 19.84 -9.43 17.92
N LYS A 126 18.75 -9.21 18.65
CA LYS A 126 18.02 -10.27 19.33
C LYS A 126 16.67 -10.49 18.66
N GLU A 127 16.05 -11.62 18.98
CA GLU A 127 14.77 -11.96 18.40
C GLU A 127 13.72 -10.91 18.77
N SER A 128 12.74 -10.73 17.89
CA SER A 128 11.63 -9.82 18.16
C SER A 128 10.32 -10.41 17.66
N GLU A 129 9.24 -9.66 17.88
CA GLU A 129 7.90 -10.06 17.47
C GLU A 129 7.62 -9.77 16.01
N LYS A 130 8.47 -9.03 15.32
CA LYS A 130 8.10 -8.54 14.01
C LYS A 130 8.08 -9.67 12.98
N PRO A 131 7.07 -9.70 12.11
CA PRO A 131 6.97 -10.81 11.13
C PRO A 131 7.87 -10.66 9.91
N GLY A 132 8.42 -9.47 9.67
CA GLY A 132 9.32 -9.23 8.57
C GLY A 132 8.67 -8.46 7.43
N TYR A 133 9.35 -8.50 6.28
CA TYR A 133 8.92 -7.79 5.09
C TYR A 133 7.81 -8.56 4.38
N ILE A 134 7.01 -7.83 3.61
CA ILE A 134 5.92 -8.42 2.82
C ILE A 134 6.44 -8.82 1.45
N ARG A 135 6.10 -10.04 1.04
CA ARG A 135 6.55 -10.68 -0.19
C ARG A 135 5.36 -11.39 -0.83
N VAL A 136 5.55 -11.86 -2.06
CA VAL A 136 4.55 -12.72 -2.67
C VAL A 136 4.67 -14.11 -2.07
N SER A 137 3.54 -14.74 -1.80
CA SER A 137 3.54 -16.08 -1.25
C SER A 137 4.06 -17.09 -2.26
N GLU A 138 4.97 -17.95 -1.82
CA GLU A 138 5.44 -19.06 -2.65
C GLU A 138 4.44 -20.21 -2.73
N LYS A 139 3.51 -20.31 -1.78
CA LYS A 139 2.52 -21.36 -1.75
C LYS A 139 1.29 -21.04 -2.59
N ASN A 140 0.96 -19.76 -2.73
CA ASN A 140 -0.19 -19.36 -3.54
C ASN A 140 0.07 -17.95 -4.06
N TRP A 141 0.34 -17.84 -5.37
CA TRP A 141 0.76 -16.57 -5.93
C TRP A 141 -0.33 -15.51 -5.94
N ARG A 142 -1.56 -15.85 -5.59
CA ARG A 142 -2.61 -14.86 -5.48
C ARG A 142 -2.49 -14.00 -4.23
N TYR A 143 -1.61 -14.36 -3.30
CA TYR A 143 -1.60 -13.74 -1.98
C TYR A 143 -0.19 -13.33 -1.56
N PHE A 144 -0.16 -12.46 -0.57
CA PHE A 144 1.06 -11.98 0.05
C PHE A 144 1.32 -12.69 1.37
N LYS A 145 2.58 -12.67 1.77
CA LYS A 145 3.02 -13.21 3.05
C LYS A 145 4.04 -12.27 3.68
N PHE A 146 4.24 -12.46 4.97
CA PHE A 146 5.40 -11.91 5.65
C PHE A 146 6.56 -12.90 5.55
N ASP A 147 7.78 -12.40 5.79
CA ASP A 147 8.94 -13.27 5.79
C ASP A 147 8.77 -14.49 6.71
N ASN A 148 8.06 -14.31 7.84
CA ASN A 148 7.89 -15.41 8.78
C ASN A 148 6.84 -16.41 8.32
N GLY A 149 6.27 -16.25 7.13
CA GLY A 149 5.35 -17.23 6.59
C GLY A 149 3.88 -16.94 6.86
N ARG A 150 3.56 -16.01 7.74
CA ARG A 150 2.16 -15.67 8.00
C ARG A 150 1.61 -14.89 6.81
N GLN A 151 0.33 -15.06 6.53
CA GLN A 151 -0.24 -14.32 5.41
CA GLN A 151 -0.25 -14.31 5.42
C GLN A 151 -0.33 -12.83 5.74
N PHE A 152 -0.25 -11.99 4.70
CA PHE A 152 -0.58 -10.56 4.78
C PHE A 152 -1.77 -10.37 3.86
N LEU A 153 -2.96 -10.20 4.44
CA LEU A 153 -4.20 -9.97 3.72
C LEU A 153 -4.56 -8.51 3.90
N PRO A 154 -4.29 -7.63 2.93
CA PRO A 154 -4.52 -6.19 3.17
C PRO A 154 -6.01 -5.89 3.33
N ILE A 155 -6.34 -5.22 4.44
CA ILE A 155 -7.68 -4.72 4.76
C ILE A 155 -7.50 -3.26 5.11
N GLY A 156 -8.14 -2.37 4.39
CA GLY A 156 -7.93 -0.95 4.67
C GLY A 156 -8.55 -0.11 3.59
N ALA A 157 -7.93 1.04 3.33
CA ALA A 157 -8.43 1.98 2.33
C ALA A 157 -7.29 2.90 1.87
N ASN A 158 -7.53 3.63 0.79
CA ASN A 158 -6.65 4.75 0.46
C ASN A 158 -6.76 5.80 1.57
N ILE A 159 -5.63 6.36 2.01
CA ILE A 159 -5.58 7.42 3.00
C ILE A 159 -4.46 8.33 2.50
N CYS A 160 -4.63 8.87 1.30
CA CYS A 160 -3.44 9.26 0.53
C CYS A 160 -2.85 10.62 0.89
N TRP A 161 -3.62 11.52 1.49
CA TRP A 161 -3.09 12.81 1.92
C TRP A 161 -3.98 13.30 3.05
N ALA A 162 -3.46 14.28 3.79
CA ALA A 162 -4.14 14.93 4.88
C ALA A 162 -4.72 16.30 4.48
N THR A 163 -5.51 16.89 5.39
CA THR A 163 -5.91 18.29 5.31
C THR A 163 -4.74 19.14 5.78
N SER A 164 -5.00 20.43 5.99
CA SER A 164 -3.99 21.30 6.57
C SER A 164 -3.49 20.80 7.91
N LYS A 165 -4.24 19.94 8.59
CA LYS A 165 -3.79 19.39 9.86
C LYS A 165 -2.65 18.40 9.71
N GLY A 166 -2.36 17.93 8.49
CA GLY A 166 -1.16 17.13 8.27
C GLY A 166 -1.13 15.87 9.11
N THR A 167 0.01 15.63 9.77
CA THR A 167 0.17 14.40 10.55
C THR A 167 -0.91 14.25 11.61
N TYR A 168 -1.48 15.36 12.11
CA TYR A 168 -2.54 15.28 13.12
C TYR A 168 -3.79 14.62 12.59
N ASP A 169 -4.02 14.61 11.28
CA ASP A 169 -5.14 13.84 10.75
C ASP A 169 -4.85 12.34 10.82
N TYR A 170 -3.63 11.93 10.51
CA TYR A 170 -3.26 10.52 10.61
C TYR A 170 -3.33 10.04 12.06
N ASP A 171 -3.05 10.93 13.02
CA ASP A 171 -3.22 10.61 14.44
C ASP A 171 -4.65 10.15 14.76
N VAL A 172 -5.62 10.64 13.99
CA VAL A 172 -7.03 10.27 14.17
C VAL A 172 -7.42 9.10 13.29
N TRP A 173 -7.10 9.18 12.00
CA TRP A 173 -7.60 8.19 11.06
C TRP A 173 -6.96 6.82 11.32
N LEU A 174 -5.66 6.78 11.56
CA LEU A 174 -5.00 5.49 11.57
C LEU A 174 -5.38 4.64 12.80
N PRO A 175 -5.46 5.19 14.00
CA PRO A 175 -5.91 4.33 15.12
C PRO A 175 -7.32 3.81 14.92
N LYS A 176 -8.22 4.63 14.37
CA LYS A 176 -9.57 4.16 14.09
C LYS A 176 -9.56 3.02 13.07
N CYS A 177 -8.77 3.16 12.02
CA CYS A 177 -8.68 2.08 11.05
C CYS A 177 -8.13 0.81 11.69
N ALA A 178 -7.05 0.93 12.45
CA ALA A 178 -6.38 -0.24 12.98
C ALA A 178 -7.21 -0.97 14.02
N GLU A 179 -8.00 -0.23 14.82
CA GLU A 179 -8.85 -0.87 15.81
C GLU A 179 -10.04 -1.57 15.19
N ASN A 180 -10.30 -1.34 13.91
CA ASN A 180 -11.40 -1.97 13.18
C ASN A 180 -10.90 -2.92 12.10
N GLY A 181 -9.75 -3.57 12.35
CA GLY A 181 -9.24 -4.61 11.49
C GLY A 181 -8.38 -4.14 10.34
N GLY A 182 -8.07 -2.85 10.26
CA GLY A 182 -7.27 -2.35 9.16
C GLY A 182 -5.79 -2.57 9.40
N ASN A 183 -5.10 -3.01 8.34
CA ASN A 183 -3.66 -3.19 8.38
C ASN A 183 -2.99 -2.58 7.17
N TYR A 184 -3.69 -1.75 6.40
CA TYR A 184 -3.18 -1.30 5.12
C TYR A 184 -3.67 0.12 4.80
N PHE A 185 -2.79 0.94 4.22
CA PHE A 185 -3.24 2.16 3.56
C PHE A 185 -2.19 2.54 2.50
N ARG A 186 -2.56 3.55 1.70
CA ARG A 186 -1.74 4.06 0.59
C ARG A 186 -1.61 5.58 0.74
N VAL A 187 -0.39 6.06 0.54
CA VAL A 187 -0.09 7.49 0.61
C VAL A 187 0.58 7.93 -0.69
N TRP A 188 0.46 9.23 -0.98
CA TRP A 188 1.00 9.83 -2.19
C TRP A 188 2.20 10.72 -1.86
N LEU A 189 3.27 10.55 -2.64
CA LEU A 189 4.49 11.35 -2.51
C LEU A 189 4.61 12.35 -3.66
N GLY A 190 3.57 12.46 -4.49
CA GLY A 190 3.42 13.48 -5.51
C GLY A 190 1.93 13.57 -5.79
N PRO A 191 1.46 14.61 -6.50
CA PRO A 191 2.19 15.76 -7.04
C PRO A 191 2.66 16.71 -5.94
N SER A 192 3.13 17.90 -6.33
CA SER A 192 3.84 18.74 -5.37
C SER A 192 2.96 19.28 -4.25
N TRP A 193 1.63 19.19 -4.39
CA TRP A 193 0.70 19.58 -3.34
C TRP A 193 0.44 18.48 -2.30
N ALA A 194 0.90 17.26 -2.55
CA ALA A 194 0.63 16.16 -1.64
C ALA A 194 1.29 16.41 -0.29
N THR A 195 0.68 15.81 0.76
CA THR A 195 1.20 15.97 2.11
C THR A 195 2.66 15.52 2.21
N PHE A 196 3.00 14.43 1.52
CA PHE A 196 4.32 13.84 1.59
C PHE A 196 5.14 14.10 0.33
N ALA A 197 4.87 15.19 -0.38
CA ALA A 197 5.56 15.47 -1.63
C ALA A 197 7.04 15.72 -1.39
N LEU A 198 7.88 14.85 -1.96
CA LEU A 198 9.32 15.05 -1.89
C LEU A 198 9.76 16.09 -2.93
N GLU A 199 9.22 16.00 -4.15
CA GLU A 199 9.48 16.98 -5.20
C GLU A 199 8.46 18.10 -5.05
N ARG A 200 8.71 18.97 -4.09
CA ARG A 200 7.75 20.02 -3.75
C ARG A 200 8.01 21.30 -4.54
N GLU A 201 9.26 21.75 -4.58
CA GLU A 201 9.66 22.92 -5.33
C GLU A 201 10.66 22.60 -6.43
N SER A 202 11.15 21.38 -6.49
CA SER A 202 12.27 21.02 -7.35
C SER A 202 12.21 19.53 -7.61
N VAL A 203 12.76 19.10 -8.74
CA VAL A 203 13.00 17.67 -8.93
C VAL A 203 14.43 17.26 -8.58
N LYS A 204 15.27 18.23 -8.20
CA LYS A 204 16.67 18.00 -7.88
C LYS A 204 16.92 17.87 -6.38
N GLU A 205 16.09 18.51 -5.58
CA GLU A 205 16.24 18.56 -4.12
C GLU A 205 14.88 18.24 -3.53
N TYR A 206 14.87 17.52 -2.39
CA TYR A 206 13.63 16.98 -1.83
C TYR A 206 13.27 17.71 -0.55
N ASP A 207 11.97 17.79 -0.30
CA ASP A 207 11.43 18.63 0.77
C ASP A 207 11.60 17.95 2.12
N LEU A 208 12.41 18.55 2.99
CA LEU A 208 12.73 17.88 4.25
C LEU A 208 11.56 17.92 5.23
N LYS A 209 10.69 18.92 5.16
CA LYS A 209 9.50 18.95 6.02
C LYS A 209 8.54 17.83 5.66
N ASN A 210 8.21 17.71 4.38
CA ASN A 210 7.29 16.65 3.99
C ASN A 210 7.89 15.27 4.24
N ALA A 211 9.21 15.13 4.08
CA ALA A 211 9.83 13.83 4.37
C ALA A 211 9.73 13.50 5.84
N TRP A 212 9.81 14.52 6.71
CA TRP A 212 9.64 14.32 8.14
C TRP A 212 8.22 13.90 8.47
N LYS A 213 7.23 14.51 7.80
CA LYS A 213 5.85 14.07 8.00
C LYS A 213 5.68 12.61 7.64
N LEU A 214 6.31 12.17 6.55
CA LEU A 214 6.20 10.78 6.14
C LEU A 214 6.90 9.86 7.16
N ASP A 215 8.05 10.30 7.70
CA ASP A 215 8.65 9.58 8.81
C ASP A 215 7.61 9.34 9.91
N TYR A 216 6.93 10.42 10.31
CA TYR A 216 6.00 10.37 11.43
C TYR A 216 4.88 9.37 11.16
N VAL A 217 4.33 9.40 9.95
CA VAL A 217 3.21 8.53 9.62
C VAL A 217 3.67 7.09 9.51
N LEU A 218 4.88 6.86 8.97
CA LEU A 218 5.44 5.51 8.94
C LEU A 218 5.66 4.98 10.35
N ASN A 219 6.11 5.84 11.27
CA ASN A 219 6.30 5.44 12.66
C ASN A 219 4.96 5.11 13.33
N LEU A 220 3.91 5.88 13.01
CA LEU A 220 2.59 5.57 13.54
C LEU A 220 2.09 4.22 13.00
N ALA A 221 2.30 3.96 11.71
CA ALA A 221 1.96 2.65 11.16
C ALA A 221 2.73 1.54 11.88
N GLU A 222 4.01 1.79 12.21
CA GLU A 222 4.81 0.79 12.92
C GLU A 222 4.16 0.46 14.26
N LYS A 223 3.66 1.48 14.95
CA LYS A 223 3.08 1.27 16.28
C LYS A 223 1.73 0.57 16.19
N LEU A 224 1.06 0.70 15.06
CA LEU A 224 -0.29 0.17 14.86
C LEU A 224 -0.32 -1.11 14.04
N ASN A 225 0.82 -1.62 13.59
CA ASN A 225 0.87 -2.79 12.72
C ASN A 225 0.05 -2.57 11.45
N MET A 226 0.35 -1.47 10.79
CA MET A 226 -0.20 -1.17 9.48
C MET A 226 0.92 -1.07 8.47
N TYR A 227 0.58 -1.32 7.22
CA TYR A 227 1.55 -1.49 6.13
C TYR A 227 1.11 -0.62 4.98
N ILE A 228 2.07 0.11 4.39
CA ILE A 228 1.76 1.26 3.54
C ILE A 228 2.28 1.02 2.14
N MET A 229 1.44 1.30 1.13
CA MET A 229 1.91 1.46 -0.24
C MET A 229 2.29 2.93 -0.47
N PHE A 230 3.54 3.17 -0.88
CA PHE A 230 4.03 4.51 -1.18
C PHE A 230 3.87 4.74 -2.69
N CYS A 231 3.03 5.69 -3.09
CA CYS A 231 2.85 6.04 -4.50
C CYS A 231 3.74 7.23 -4.82
N PHE A 232 4.74 7.00 -5.68
CA PHE A 232 5.78 8.02 -5.87
C PHE A 232 5.31 9.23 -6.66
N ASP A 233 4.54 9.00 -7.73
CA ASP A 233 4.13 10.03 -8.66
C ASP A 233 2.67 9.77 -9.03
N SER A 234 1.98 10.83 -9.37
CA SER A 234 0.63 10.69 -9.90
C SER A 234 0.48 11.38 -11.27
N TYR A 235 -0.43 10.84 -12.11
CA TYR A 235 -0.60 11.26 -13.51
C TYR A 235 -0.73 12.78 -13.66
N ASN A 236 -1.28 13.48 -12.64
CA ASN A 236 -1.57 14.90 -12.77
C ASN A 236 -0.31 15.66 -13.16
N GLU A 237 0.84 15.18 -12.65
CA GLU A 237 2.13 15.83 -12.89
C GLU A 237 2.42 16.00 -14.38
N LEU A 238 1.93 15.05 -15.18
CA LEU A 238 2.27 14.98 -16.61
C LEU A 238 1.05 15.22 -17.51
N ARG A 239 0.04 15.89 -16.99
CA ARG A 239 -1.22 16.16 -17.73
C ARG A 239 -1.41 17.67 -17.87
N TYR A 240 -1.66 18.11 -19.10
CA TYR A 240 -1.82 19.53 -19.42
C TYR A 240 -3.17 20.08 -18.96
N GLN A 241 -3.16 21.38 -18.63
CA GLN A 241 -4.35 22.11 -18.26
C GLN A 241 -5.50 21.83 -19.23
N LYS A 242 -5.24 21.93 -20.54
CA LYS A 242 -6.31 21.77 -21.53
C LYS A 242 -6.97 20.40 -21.48
N GLU A 243 -6.34 19.42 -20.84
CA GLU A 243 -6.83 18.04 -20.78
C GLU A 243 -7.69 17.74 -19.57
N GLY A 244 -7.80 18.68 -18.63
CA GLY A 244 -8.66 18.48 -17.49
C GLY A 244 -8.22 17.35 -16.58
N ALA A 245 -9.17 16.94 -15.74
CA ALA A 245 -8.99 15.87 -14.74
C ALA A 245 -7.92 16.24 -13.71
N TYR A 246 -8.03 17.44 -13.17
CA TYR A 246 -7.10 17.95 -12.15
C TYR A 246 -5.66 17.94 -12.68
N PRO A 247 -5.43 18.59 -13.81
CA PRO A 247 -4.10 18.60 -14.43
C PRO A 247 -3.15 19.48 -13.63
N TYR A 248 -1.86 19.14 -13.70
CA TYR A 248 -0.87 19.86 -12.93
C TYR A 248 0.43 20.10 -13.68
N TRP A 249 0.54 19.78 -14.97
CA TRP A 249 1.81 19.98 -15.66
C TRP A 249 2.31 21.41 -15.51
N GLU A 250 1.40 22.38 -15.67
CA GLU A 250 1.83 23.78 -15.69
C GLU A 250 2.44 24.19 -14.38
N HIS A 251 2.15 23.46 -13.30
CA HIS A 251 2.62 23.79 -11.96
C HIS A 251 3.70 22.86 -11.44
N THR A 252 4.01 21.81 -12.15
CA THR A 252 4.88 20.76 -11.63
C THR A 252 6.36 21.17 -11.75
N PRO A 253 7.21 20.77 -10.80
CA PRO A 253 8.62 21.17 -10.88
C PRO A 253 9.36 20.55 -12.04
N HIS A 254 8.79 19.52 -12.68
CA HIS A 254 9.45 18.87 -13.80
C HIS A 254 9.56 19.80 -15.00
N TYR A 255 8.59 20.69 -15.16
CA TYR A 255 8.47 21.56 -16.33
C TYR A 255 9.54 22.64 -16.28
N GLU A 256 10.18 22.87 -17.42
CA GLU A 256 11.22 23.90 -17.51
C GLU A 256 10.72 25.25 -17.05
N LYS A 257 9.45 25.59 -17.27
CA LYS A 257 8.92 26.86 -16.80
C LYS A 257 9.16 27.04 -15.31
N ASN A 258 9.13 25.93 -14.57
CA ASN A 258 9.23 25.94 -13.11
C ASN A 258 10.60 25.48 -12.62
N GLY A 259 11.58 25.46 -13.51
CA GLY A 259 12.95 25.14 -13.15
C GLY A 259 13.40 23.75 -13.47
N GLY A 260 12.52 22.89 -13.99
CA GLY A 260 12.86 21.52 -14.24
C GLY A 260 13.47 21.32 -15.61
N PRO A 261 13.80 20.06 -15.93
CA PRO A 261 14.50 19.76 -17.19
C PRO A 261 13.62 19.57 -18.42
N LEU A 262 12.31 19.42 -18.26
CA LEU A 262 11.46 18.92 -19.33
C LEU A 262 10.74 20.03 -20.09
N LYS A 263 10.78 19.95 -21.42
CA LYS A 263 10.00 20.86 -22.24
C LYS A 263 8.55 20.45 -22.38
N GLU A 264 8.25 19.17 -22.18
CA GLU A 264 6.91 18.61 -22.32
C GLU A 264 6.90 17.28 -21.57
N PRO A 265 5.73 16.81 -21.15
CA PRO A 265 5.72 15.60 -20.31
C PRO A 265 6.19 14.36 -21.03
N LYS A 266 6.07 14.29 -22.35
CA LYS A 266 6.56 13.11 -23.08
C LYS A 266 8.02 12.82 -22.77
N ASP A 267 8.81 13.87 -22.54
CA ASP A 267 10.25 13.67 -22.34
C ASP A 267 10.59 13.10 -20.98
N PHE A 268 9.61 12.99 -20.07
CA PHE A 268 9.86 12.37 -18.77
C PHE A 268 10.48 10.98 -18.91
N TRP A 269 10.03 10.19 -19.89
CA TRP A 269 10.42 8.79 -20.00
C TRP A 269 11.84 8.61 -20.51
N THR A 270 12.39 9.60 -21.22
CA THR A 270 13.67 9.44 -21.91
C THR A 270 14.70 10.52 -21.65
N ASN A 271 14.34 11.65 -21.05
CA ASN A 271 15.30 12.73 -20.81
C ASN A 271 16.36 12.27 -19.82
N ASN A 272 17.63 12.35 -20.20
CA ASN A 272 18.69 11.80 -19.36
C ASN A 272 18.77 12.50 -18.01
N GLU A 273 18.61 13.83 -18.01
CA GLU A 273 18.67 14.58 -16.75
C GLU A 273 17.53 14.17 -15.82
N MET A 274 16.30 14.05 -16.36
CA MET A 274 15.17 13.64 -15.53
C MET A 274 15.37 12.21 -15.01
N ILE A 275 15.86 11.31 -15.84
CA ILE A 275 16.10 9.94 -15.40
C ILE A 275 17.09 9.92 -14.25
N LYS A 276 18.16 10.72 -14.37
CA LYS A 276 19.15 10.80 -13.31
C LYS A 276 18.53 11.29 -12.01
N TYR A 277 17.76 12.37 -12.07
CA TYR A 277 17.09 12.91 -10.89
CA TYR A 277 17.17 12.86 -10.84
C TYR A 277 16.12 11.90 -10.29
N TYR A 278 15.38 11.20 -11.16
CA TYR A 278 14.41 10.23 -10.66
C TYR A 278 15.13 9.11 -9.91
N LYS A 279 16.26 8.64 -10.45
CA LYS A 279 17.05 7.62 -9.76
C LYS A 279 17.58 8.15 -8.43
N ASN A 280 17.94 9.43 -8.39
CA ASN A 280 18.35 10.04 -7.12
C ASN A 280 17.18 10.03 -6.13
N LYS A 281 15.97 10.26 -6.62
CA LYS A 281 14.81 10.22 -5.76
C LYS A 281 14.57 8.81 -5.22
N LEU A 282 14.67 7.79 -6.08
CA LEU A 282 14.53 6.41 -5.62
C LEU A 282 15.58 6.07 -4.57
N ARG A 283 16.81 6.54 -4.77
CA ARG A 283 17.86 6.33 -3.78
C ARG A 283 17.54 7.01 -2.44
N TYR A 284 16.95 8.21 -2.50
CA TYR A 284 16.56 8.92 -1.27
C TYR A 284 15.44 8.17 -0.56
N ILE A 285 14.48 7.68 -1.32
CA ILE A 285 13.36 6.95 -0.73
C ILE A 285 13.84 5.66 -0.08
N VAL A 286 14.69 4.90 -0.78
CA VAL A 286 15.27 3.70 -0.18
C VAL A 286 16.05 4.06 1.07
N ALA A 287 16.91 5.07 0.98
CA ALA A 287 17.72 5.45 2.13
C ALA A 287 16.85 5.79 3.34
N ARG A 288 15.80 6.58 3.13
CA ARG A 288 15.08 7.16 4.25
C ARG A 288 13.99 6.23 4.79
N TYR A 289 13.43 5.36 3.95
CA TYR A 289 12.27 4.54 4.32
C TYR A 289 12.45 3.05 4.05
N GLY A 290 13.45 2.64 3.28
CA GLY A 290 13.55 1.24 2.88
C GLY A 290 13.72 0.28 4.05
N TYR A 291 14.35 0.72 5.13
CA TYR A 291 14.52 -0.15 6.30
C TYR A 291 13.20 -0.74 6.78
N SER A 292 12.09 -0.04 6.55
CA SER A 292 10.87 -0.30 7.30
C SER A 292 10.08 -1.49 6.77
N THR A 293 9.80 -2.46 7.65
CA THR A 293 8.89 -3.53 7.23
C THR A 293 7.47 -3.00 7.06
N ASN A 294 7.18 -1.79 7.53
CA ASN A 294 5.86 -1.21 7.34
C ASN A 294 5.69 -0.54 5.98
N VAL A 295 6.70 -0.58 5.11
CA VAL A 295 6.50 -0.28 3.69
C VAL A 295 6.11 -1.58 3.00
N PHE A 296 4.83 -1.67 2.62
CA PHE A 296 4.30 -2.81 1.89
C PHE A 296 4.83 -2.83 0.47
N ALA A 297 4.80 -1.69 -0.20
CA ALA A 297 5.16 -1.68 -1.61
C ALA A 297 5.57 -0.28 -2.06
N TRP A 298 6.46 -0.29 -3.02
CA TRP A 298 6.80 0.87 -3.82
C TRP A 298 5.91 0.89 -5.07
N GLU A 299 5.15 1.97 -5.26
CA GLU A 299 4.27 2.11 -6.42
C GLU A 299 4.78 3.29 -7.25
N PHE A 300 5.19 3.04 -8.49
CA PHE A 300 5.77 4.15 -9.24
C PHE A 300 4.72 5.23 -9.53
N TRP A 301 3.57 4.80 -10.09
CA TRP A 301 2.59 5.72 -10.65
C TRP A 301 1.18 5.45 -10.14
N ASN A 302 0.47 6.54 -9.87
CA ASN A 302 -0.99 6.56 -9.84
C ASN A 302 -1.49 6.87 -11.25
N GLU A 303 -2.07 5.85 -11.88
CA GLU A 303 -2.84 5.98 -13.13
C GLU A 303 -2.00 6.61 -14.27
N VAL A 304 -0.90 5.93 -14.59
CA VAL A 304 0.05 6.48 -15.57
C VAL A 304 -0.55 6.55 -16.97
N ASP A 305 -1.60 5.79 -17.24
CA ASP A 305 -2.23 5.80 -18.56
C ASP A 305 -3.03 7.07 -18.82
N ILE A 306 -3.30 7.90 -17.81
CA ILE A 306 -3.98 9.17 -18.05
C ILE A 306 -3.08 10.39 -17.79
N ILE A 307 -1.76 10.22 -17.91
CA ILE A 307 -0.91 11.37 -18.25
C ILE A 307 -1.44 11.91 -19.57
N SER A 308 -0.98 13.09 -19.97
CA SER A 308 -1.30 13.59 -21.30
C SER A 308 -1.18 12.49 -22.35
N PRO A 309 -2.13 12.36 -23.28
CA PRO A 309 -1.90 11.47 -24.43
C PRO A 309 -0.73 11.93 -25.27
N THR A 310 -0.32 13.20 -25.17
CA THR A 310 0.88 13.62 -25.88
C THR A 310 2.13 13.01 -25.29
N ALA A 311 2.03 12.43 -24.09
CA ALA A 311 3.18 11.95 -23.34
C ALA A 311 3.21 10.44 -23.19
N PHE A 312 2.14 9.73 -23.52
CA PHE A 312 2.09 8.30 -23.27
C PHE A 312 2.54 7.55 -24.52
N VAL A 313 3.76 7.02 -24.47
CA VAL A 313 4.36 6.23 -25.53
C VAL A 313 4.57 4.84 -24.93
N ILE A 314 3.75 3.86 -25.33
CA ILE A 314 3.67 2.62 -24.56
C ILE A 314 5.04 1.95 -24.46
N GLY A 315 5.82 1.92 -25.53
CA GLY A 315 7.10 1.24 -25.46
C GLY A 315 8.07 1.94 -24.53
N GLU A 316 7.99 3.27 -24.46
CA GLU A 316 8.87 4.03 -23.58
C GLU A 316 8.44 3.91 -22.13
N VAL A 317 7.13 3.95 -21.88
CA VAL A 317 6.65 3.76 -20.51
C VAL A 317 6.97 2.35 -20.01
N LYS A 318 6.84 1.34 -20.88
CA LYS A 318 7.19 -0.03 -20.52
C LYS A 318 8.67 -0.14 -20.20
N LYS A 319 9.54 0.36 -21.09
CA LYS A 319 10.96 0.27 -20.84
C LYS A 319 11.35 1.00 -19.56
N TRP A 320 10.74 2.16 -19.31
CA TRP A 320 11.04 2.90 -18.10
C TRP A 320 10.64 2.12 -16.86
N HIS A 321 9.48 1.46 -16.88
CA HIS A 321 9.10 0.62 -15.73
C HIS A 321 10.05 -0.56 -15.58
N GLU A 322 10.43 -1.20 -16.70
CA GLU A 322 11.38 -2.32 -16.61
C GLU A 322 12.68 -1.85 -15.99
N ASP A 323 13.21 -0.74 -16.49
CA ASP A 323 14.53 -0.27 -16.07
C ASP A 323 14.51 0.27 -14.65
N MET A 324 13.46 1.01 -14.29
CA MET A 324 13.37 1.57 -12.94
C MET A 324 13.12 0.47 -11.91
N ALA A 325 12.30 -0.52 -12.26
CA ALA A 325 12.10 -1.63 -11.32
C ALA A 325 13.42 -2.36 -11.09
N LYS A 326 14.21 -2.56 -12.16
CA LYS A 326 15.49 -3.22 -11.98
C LYS A 326 16.41 -2.37 -11.10
N TYR A 327 16.46 -1.06 -11.36
CA TYR A 327 17.34 -0.19 -10.58
C TYR A 327 16.91 -0.15 -9.12
N LEU A 328 15.62 0.07 -8.86
CA LEU A 328 15.12 0.13 -7.48
C LEU A 328 15.40 -1.15 -6.72
N ASN A 329 15.05 -2.28 -7.32
CA ASN A 329 15.36 -3.57 -6.70
C ASN A 329 16.85 -3.69 -6.39
N SER A 330 17.71 -3.20 -7.30
CA SER A 330 19.14 -3.40 -7.11
C SER A 330 19.70 -2.57 -5.97
N ILE A 331 19.12 -1.40 -5.70
CA ILE A 331 19.63 -0.53 -4.65
C ILE A 331 18.89 -0.71 -3.32
N ASP A 332 17.75 -1.40 -3.32
CA ASP A 332 16.95 -1.61 -2.12
C ASP A 332 17.46 -2.85 -1.41
N PRO A 333 18.17 -2.71 -0.28
CA PRO A 333 18.72 -3.90 0.39
C PRO A 333 17.67 -4.89 0.83
N TRP A 334 16.42 -4.46 0.99
CA TRP A 334 15.36 -5.31 1.51
C TRP A 334 14.39 -5.77 0.43
N LYS A 335 14.57 -5.32 -0.82
CA LYS A 335 13.81 -5.85 -1.96
C LYS A 335 12.30 -5.79 -1.74
N HIS A 336 11.80 -4.60 -1.39
CA HIS A 336 10.36 -4.44 -1.28
C HIS A 336 9.66 -4.70 -2.61
N LEU A 337 8.40 -5.09 -2.50
CA LEU A 337 7.53 -5.24 -3.66
C LEU A 337 7.41 -3.94 -4.43
N ILE A 338 7.24 -4.07 -5.75
CA ILE A 338 7.13 -2.95 -6.68
C ILE A 338 5.89 -3.14 -7.55
N THR A 339 5.15 -2.05 -7.79
CA THR A 339 3.95 -2.10 -8.62
C THR A 339 3.76 -0.75 -9.33
N THR A 340 2.67 -0.64 -10.10
CA THR A 340 2.26 0.62 -10.74
C THR A 340 0.76 0.47 -10.99
N SER A 341 0.10 1.57 -11.35
CA SER A 341 -1.34 1.52 -11.55
C SER A 341 -1.82 2.29 -12.78
N PHE A 342 -3.07 1.96 -13.15
CA PHE A 342 -3.78 2.48 -14.32
C PHE A 342 -5.19 2.90 -13.94
N ALA A 343 -5.67 3.96 -14.59
CA ALA A 343 -7.09 4.31 -14.51
C ALA A 343 -7.97 3.32 -15.26
N PHE A 344 -7.49 2.86 -16.42
CA PHE A 344 -8.23 1.90 -17.21
C PHE A 344 -8.32 0.61 -16.42
N SER A 345 -9.53 0.16 -16.13
CA SER A 345 -9.70 -0.88 -15.13
C SER A 345 -9.04 -2.18 -15.56
N PRO A 346 -9.11 -2.59 -16.83
CA PRO A 346 -8.38 -3.81 -17.24
C PRO A 346 -6.86 -3.67 -17.27
N GLY A 347 -6.32 -2.46 -17.09
CA GLY A 347 -4.89 -2.27 -17.07
C GLY A 347 -4.26 -2.36 -18.45
N LYS A 348 -2.93 -2.41 -18.45
CA LYS A 348 -2.13 -2.44 -19.68
C LYS A 348 -1.24 -3.67 -19.67
N PRO A 349 -1.58 -4.73 -20.39
CA PRO A 349 -0.81 -5.98 -20.27
C PRO A 349 0.67 -5.83 -20.58
N GLU A 350 1.07 -4.92 -21.47
CA GLU A 350 2.49 -4.79 -21.80
C GLU A 350 3.31 -4.36 -20.59
N ILE A 351 2.69 -3.65 -19.66
CA ILE A 351 3.36 -3.20 -18.44
C ILE A 351 3.07 -4.14 -17.28
N ASP A 352 1.81 -4.59 -17.15
CA ASP A 352 1.47 -5.45 -16.02
C ASP A 352 2.24 -6.76 -16.07
N SER A 353 2.62 -7.23 -17.26
CA SER A 353 3.34 -8.50 -17.37
C SER A 353 4.83 -8.37 -17.11
N ILE A 354 5.35 -7.15 -16.85
CA ILE A 354 6.76 -6.98 -16.52
C ILE A 354 7.10 -7.76 -15.27
N SER A 355 8.15 -8.58 -15.33
CA SER A 355 8.49 -9.42 -14.20
C SER A 355 8.88 -8.60 -12.97
N GLY A 356 9.50 -7.44 -13.18
CA GLY A 356 9.90 -6.59 -12.09
C GLY A 356 8.77 -5.93 -11.34
N LEU A 357 7.56 -5.94 -11.86
CA LEU A 357 6.39 -5.52 -11.10
C LEU A 357 5.82 -6.77 -10.42
N ASN A 358 5.87 -6.80 -9.10
CA ASN A 358 5.60 -8.04 -8.39
C ASN A 358 4.12 -8.33 -8.25
N PHE A 359 3.27 -7.33 -8.42
CA PHE A 359 1.83 -7.56 -8.37
C PHE A 359 1.13 -6.51 -9.22
N VAL A 360 -0.11 -6.83 -9.59
CA VAL A 360 -0.92 -5.99 -10.46
C VAL A 360 -2.05 -5.36 -9.66
N GLN A 361 -2.62 -4.30 -10.22
CA GLN A 361 -3.70 -3.60 -9.57
C GLN A 361 -4.86 -3.34 -10.52
N THR A 362 -6.00 -3.01 -9.91
CA THR A 362 -7.15 -2.45 -10.61
C THR A 362 -7.63 -1.19 -9.88
N HIS A 363 -7.93 -0.14 -10.65
CA HIS A 363 -8.76 0.97 -10.18
C HIS A 363 -10.06 0.89 -10.96
N ILE A 364 -11.18 0.96 -10.25
CA ILE A 364 -12.48 0.95 -10.93
C ILE A 364 -13.48 1.82 -10.15
N TYR A 365 -14.14 2.74 -10.88
CA TYR A 365 -15.24 3.58 -10.40
C TYR A 365 -16.40 3.27 -11.33
N LYS A 366 -17.38 2.52 -10.82
CA LYS A 366 -18.51 2.06 -11.64
C LYS A 366 -19.76 2.05 -10.79
N SER A 367 -20.84 2.62 -11.32
CA SER A 367 -22.06 2.76 -10.53
C SER A 367 -22.99 1.57 -10.65
N ASN A 368 -23.01 0.90 -11.79
CA ASN A 368 -24.01 -0.15 -12.02
C ASN A 368 -23.34 -1.50 -12.13
N ARG A 369 -23.88 -2.47 -11.37
CA ARG A 369 -23.43 -3.85 -11.45
C ARG A 369 -21.93 -3.96 -11.22
N TYR A 370 -21.42 -3.22 -10.24
CA TYR A 370 -19.99 -3.26 -9.99
C TYR A 370 -19.55 -4.57 -9.34
N ILE A 371 -20.46 -5.30 -8.69
CA ILE A 371 -20.10 -6.62 -8.18
C ILE A 371 -19.66 -7.52 -9.32
N ASP A 372 -20.46 -7.59 -10.39
CA ASP A 372 -20.08 -8.41 -11.53
C ASP A 372 -18.79 -7.91 -12.19
N ALA A 373 -18.60 -6.59 -12.24
CA ALA A 373 -17.38 -6.05 -12.84
C ALA A 373 -16.16 -6.47 -12.06
N LEU A 374 -16.23 -6.41 -10.74
CA LEU A 374 -15.10 -6.84 -9.91
C LEU A 374 -14.79 -8.32 -10.13
N LEU A 375 -15.82 -9.17 -10.09
CA LEU A 375 -15.60 -10.59 -10.34
C LEU A 375 -14.93 -10.81 -11.68
N SER A 376 -15.39 -10.10 -12.71
CA SER A 376 -14.83 -10.30 -14.05
C SER A 376 -13.37 -9.86 -14.13
N LEU A 377 -13.05 -8.73 -13.52
CA LEU A 377 -11.66 -8.26 -13.53
C LEU A 377 -10.75 -9.18 -12.73
N ILE A 378 -11.24 -9.71 -11.61
CA ILE A 378 -10.42 -10.62 -10.82
C ILE A 378 -10.16 -11.92 -11.57
N ALA A 379 -11.18 -12.46 -12.23
CA ALA A 379 -10.96 -13.65 -13.04
C ALA A 379 -9.95 -13.36 -14.16
N TYR A 380 -10.09 -12.21 -14.82
CA TYR A 380 -9.23 -11.87 -15.94
C TYR A 380 -7.77 -11.78 -15.53
N LYS A 381 -7.47 -11.10 -14.43
CA LYS A 381 -6.08 -10.82 -14.09
C LYS A 381 -5.36 -11.99 -13.46
N GLU A 382 -6.05 -13.11 -13.23
CA GLU A 382 -5.35 -14.34 -12.85
C GLU A 382 -4.34 -14.76 -13.91
N LYS A 383 -4.46 -14.25 -15.13
CA LYS A 383 -3.51 -14.62 -16.17
C LYS A 383 -2.08 -14.20 -15.83
N TYR A 384 -1.88 -13.21 -14.96
CA TYR A 384 -0.53 -12.75 -14.65
C TYR A 384 0.19 -13.62 -13.64
N ARG A 385 -0.50 -14.52 -12.94
CA ARG A 385 0.14 -15.43 -11.99
C ARG A 385 0.96 -14.65 -10.95
N LYS A 386 0.40 -13.55 -10.48
CA LYS A 386 0.92 -12.80 -9.35
C LYS A 386 -0.24 -12.09 -8.69
N PRO A 387 -0.05 -11.56 -7.49
CA PRO A 387 -1.21 -11.06 -6.74
C PRO A 387 -1.86 -9.87 -7.43
N HIS A 388 -3.13 -9.64 -7.06
CA HIS A 388 -3.98 -8.62 -7.64
C HIS A 388 -4.60 -7.82 -6.51
N LEU A 389 -4.30 -6.53 -6.44
CA LEU A 389 -4.88 -5.62 -5.46
C LEU A 389 -5.82 -4.66 -6.16
N VAL A 390 -7.10 -4.63 -5.75
CA VAL A 390 -8.04 -3.62 -6.24
C VAL A 390 -7.74 -2.37 -5.45
N GLY A 391 -6.78 -1.59 -5.95
CA GLY A 391 -6.20 -0.49 -5.19
C GLY A 391 -7.02 0.79 -5.13
N GLU A 392 -8.04 0.95 -5.98
CA GLU A 392 -8.99 2.05 -5.86
C GLU A 392 -10.37 1.54 -6.29
N PHE A 393 -11.39 1.91 -5.51
CA PHE A 393 -12.76 1.51 -5.79
C PHE A 393 -13.74 2.59 -5.33
N GLY A 394 -14.77 2.82 -6.15
CA GLY A 394 -15.89 3.65 -5.75
C GLY A 394 -16.99 3.59 -6.80
N LEU A 395 -18.06 4.34 -6.53
CA LEU A 395 -19.14 4.46 -7.50
C LEU A 395 -18.78 5.38 -8.65
N ASP A 396 -18.04 6.44 -8.35
CA ASP A 396 -18.02 7.61 -9.21
C ASP A 396 -16.84 8.47 -8.82
N ALA A 397 -15.87 8.61 -9.72
CA ALA A 397 -14.72 9.48 -9.49
C ALA A 397 -15.15 10.88 -9.09
N GLY A 398 -16.40 11.26 -9.41
CA GLY A 398 -16.90 12.58 -9.10
C GLY A 398 -17.46 12.76 -7.71
N GLY A 399 -17.48 11.71 -6.89
CA GLY A 399 -17.85 11.86 -5.50
C GLY A 399 -19.30 11.63 -5.16
N ASN A 400 -20.11 11.16 -6.13
CA ASN A 400 -21.52 10.93 -5.84
C ASN A 400 -21.71 10.02 -4.63
N ASP A 401 -20.74 9.14 -4.36
CA ASP A 401 -20.77 8.26 -3.20
C ASP A 401 -21.16 8.96 -1.90
N LEU A 402 -20.57 10.14 -1.68
CA LEU A 402 -20.76 10.82 -0.41
C LEU A 402 -22.23 11.17 -0.18
N TRP A 403 -22.94 11.55 -1.24
CA TRP A 403 -24.34 11.95 -1.11
C TRP A 403 -25.30 10.76 -1.17
N VAL A 404 -25.00 9.76 -2.00
CA VAL A 404 -25.98 8.71 -2.22
C VAL A 404 -25.84 7.53 -1.27
N ASP A 405 -24.67 7.36 -0.64
CA ASP A 405 -24.41 6.16 0.17
C ASP A 405 -23.73 6.51 1.47
N PRO A 406 -24.39 7.30 2.33
CA PRO A 406 -23.77 7.66 3.61
C PRO A 406 -23.50 6.49 4.52
N ASN A 407 -24.17 5.35 4.32
CA ASN A 407 -23.96 4.18 5.17
C ASN A 407 -22.88 3.23 4.67
N GLY A 408 -22.29 3.51 3.51
CA GLY A 408 -21.16 2.72 3.05
C GLY A 408 -21.51 1.38 2.45
N TYR A 409 -22.72 1.20 1.94
CA TYR A 409 -23.08 -0.07 1.34
C TYR A 409 -22.22 -0.40 0.14
N VAL A 410 -21.76 0.62 -0.60
CA VAL A 410 -20.94 0.36 -1.78
C VAL A 410 -19.59 -0.22 -1.37
N ILE A 411 -18.94 0.41 -0.39
CA ILE A 411 -17.71 -0.11 0.19
C ILE A 411 -17.95 -1.54 0.68
N HIS A 412 -19.04 -1.73 1.42
CA HIS A 412 -19.39 -3.03 1.98
C HIS A 412 -19.45 -4.09 0.88
N ASN A 413 -20.21 -3.82 -0.19
CA ASN A 413 -20.35 -4.79 -1.26
C ASN A 413 -18.99 -5.11 -1.89
N ALA A 414 -18.19 -4.08 -2.09
CA ALA A 414 -16.91 -4.27 -2.79
C ALA A 414 -15.93 -5.06 -1.94
N ILE A 415 -15.87 -4.82 -0.63
CA ILE A 415 -14.85 -5.52 0.13
C ILE A 415 -15.20 -7.01 0.26
N TRP A 416 -16.50 -7.34 0.42
CA TRP A 416 -16.90 -8.75 0.46
C TRP A 416 -16.67 -9.42 -0.89
N THR A 417 -17.06 -8.75 -1.97
CA THR A 417 -16.88 -9.32 -3.31
C THR A 417 -15.42 -9.63 -3.59
N THR A 418 -14.53 -8.68 -3.28
CA THR A 418 -13.14 -8.84 -3.68
C THR A 418 -12.46 -9.95 -2.87
N ILE A 419 -12.72 -10.03 -1.57
CA ILE A 419 -12.10 -11.07 -0.77
C ILE A 419 -12.58 -12.45 -1.18
N LEU A 420 -13.87 -12.58 -1.45
CA LEU A 420 -14.40 -13.91 -1.74
C LEU A 420 -14.42 -14.22 -3.23
N SER A 421 -13.81 -13.37 -4.04
CA SER A 421 -13.56 -13.67 -5.44
C SER A 421 -12.13 -14.10 -5.69
N GLY A 422 -11.25 -13.96 -4.71
CA GLY A 422 -9.90 -14.44 -4.84
C GLY A 422 -8.85 -13.37 -5.00
N ALA A 423 -9.18 -12.10 -4.78
CA ALA A 423 -8.17 -11.05 -4.82
C ALA A 423 -7.33 -11.09 -3.56
N SER A 424 -6.19 -10.40 -3.60
CA SER A 424 -5.21 -10.50 -2.52
C SER A 424 -5.68 -9.84 -1.22
N GLY A 425 -6.66 -8.94 -1.29
CA GLY A 425 -7.19 -8.25 -0.13
C GLY A 425 -8.44 -7.49 -0.51
N THR A 426 -8.85 -6.57 0.36
CA THR A 426 -10.07 -5.82 0.11
C THR A 426 -9.89 -4.84 -1.04
N ALA A 427 -10.99 -4.57 -1.75
CA ALA A 427 -11.12 -3.36 -2.53
C ALA A 427 -10.81 -2.18 -1.64
N MET A 428 -10.03 -1.23 -2.15
CA MET A 428 -9.52 -0.12 -1.35
C MET A 428 -10.27 1.14 -1.74
N SER A 429 -11.14 1.58 -0.86
CA SER A 429 -12.00 2.73 -1.11
C SER A 429 -11.20 4.03 -1.23
N TRP A 430 -11.77 5.00 -1.95
CA TRP A 430 -11.39 6.40 -1.89
C TRP A 430 -12.15 7.06 -0.72
N TRP A 431 -12.06 8.39 -0.60
CA TRP A 431 -12.93 9.17 0.28
C TRP A 431 -12.68 8.89 1.76
N TRP A 432 -11.40 8.71 2.12
CA TRP A 432 -11.07 8.43 3.53
C TRP A 432 -11.47 9.61 4.43
N ASP A 433 -11.27 10.83 3.93
CA ASP A 433 -11.38 12.02 4.76
C ASP A 433 -12.79 12.58 4.82
N ASN A 434 -13.54 12.49 3.72
CA ASN A 434 -14.86 13.11 3.62
C ASN A 434 -16.00 12.11 3.67
N HIS A 435 -15.71 10.83 3.85
CA HIS A 435 -16.73 9.79 3.78
C HIS A 435 -16.46 8.71 4.84
N ILE A 436 -15.34 7.99 4.71
CA ILE A 436 -15.11 6.87 5.62
C ILE A 436 -15.07 7.36 7.07
N HIS A 437 -14.28 8.40 7.33
CA HIS A 437 -14.12 8.84 8.73
C HIS A 437 -15.36 9.53 9.25
N PRO A 438 -15.88 10.59 8.61
CA PRO A 438 -17.04 11.27 9.22
C PRO A 438 -18.27 10.40 9.34
N ASN A 439 -18.48 9.49 8.40
CA ASN A 439 -19.63 8.59 8.48
C ASN A 439 -19.35 7.36 9.32
N ASN A 440 -18.12 7.23 9.84
CA ASN A 440 -17.75 6.15 10.76
C ASN A 440 -18.03 4.79 10.14
N LEU A 441 -17.48 4.58 8.95
CA LEU A 441 -17.73 3.37 8.16
C LEU A 441 -16.78 2.23 8.50
N TYR A 442 -15.93 2.41 9.51
CA TYR A 442 -14.92 1.41 9.81
C TYR A 442 -15.53 0.06 10.23
N PHE A 443 -16.75 0.08 10.79
CA PHE A 443 -17.36 -1.18 11.22
C PHE A 443 -17.49 -2.18 10.08
N HIS A 444 -17.64 -1.71 8.83
CA HIS A 444 -17.69 -2.65 7.72
C HIS A 444 -16.43 -3.49 7.65
N TYR A 445 -15.28 -2.84 7.84
CA TYR A 445 -14.01 -3.55 7.77
C TYR A 445 -13.84 -4.47 8.96
N ARG A 446 -14.29 -4.05 10.14
CA ARG A 446 -14.19 -4.89 11.32
CA ARG A 446 -14.17 -4.90 11.31
C ARG A 446 -14.94 -6.19 11.12
N ALA A 447 -16.14 -6.11 10.56
CA ALA A 447 -16.94 -7.32 10.36
C ALA A 447 -16.25 -8.26 9.37
N LEU A 448 -15.70 -7.73 8.28
CA LEU A 448 -15.00 -8.59 7.33
C LEU A 448 -13.74 -9.18 7.95
N ALA A 449 -12.94 -8.34 8.61
CA ALA A 449 -11.71 -8.83 9.23
C ALA A 449 -12.00 -9.95 10.21
N ASP A 450 -13.06 -9.82 11.01
CA ASP A 450 -13.37 -10.86 11.98
C ASP A 450 -13.88 -12.13 11.31
N PHE A 451 -14.45 -12.03 10.11
CA PHE A 451 -14.90 -13.22 9.40
C PHE A 451 -13.72 -14.00 8.82
N VAL A 452 -12.70 -13.31 8.31
CA VAL A 452 -11.59 -14.00 7.64
C VAL A 452 -10.39 -14.22 8.55
N LYS A 453 -10.43 -13.72 9.79
CA LYS A 453 -9.24 -13.62 10.62
C LYS A 453 -8.52 -14.96 10.77
N ASP A 454 -9.26 -16.04 10.96
CA ASP A 454 -8.64 -17.32 11.26
C ASP A 454 -8.51 -18.24 10.05
N ILE A 455 -8.76 -17.74 8.84
CA ILE A 455 -8.64 -18.55 7.64
C ILE A 455 -7.26 -18.33 7.06
N ASN A 456 -6.56 -19.41 6.72
CA ASN A 456 -5.23 -19.30 6.13
C ASN A 456 -5.41 -19.45 4.62
N PHE A 457 -5.51 -18.31 3.93
CA PHE A 457 -5.66 -18.34 2.49
C PHE A 457 -4.47 -19.01 1.80
N LEU A 458 -3.30 -19.04 2.45
CA LEU A 458 -2.13 -19.65 1.83
C LEU A 458 -2.20 -21.16 1.80
N GLU A 459 -3.07 -21.77 2.61
CA GLU A 459 -3.14 -23.22 2.73
CA GLU A 459 -3.12 -23.22 2.67
C GLU A 459 -4.41 -23.80 2.12
N GLU A 460 -5.46 -22.99 1.94
CA GLU A 460 -6.76 -23.53 1.59
C GLU A 460 -6.89 -23.93 0.12
N LYS A 461 -6.02 -23.45 -0.76
CA LYS A 461 -6.16 -23.70 -2.21
C LYS A 461 -7.56 -23.35 -2.70
N PHE A 462 -8.04 -22.18 -2.28
CA PHE A 462 -9.37 -21.74 -2.65
C PHE A 462 -9.54 -21.66 -4.16
N GLU A 463 -10.71 -22.06 -4.63
CA GLU A 463 -11.15 -21.82 -5.99
C GLU A 463 -12.53 -21.18 -5.90
N ARG A 464 -12.92 -20.43 -6.94
CA ARG A 464 -14.24 -19.81 -6.95
C ARG A 464 -15.31 -20.90 -7.00
N LEU A 465 -16.38 -20.73 -6.24
CA LEU A 465 -17.42 -21.73 -6.16
C LEU A 465 -18.08 -21.89 -7.52
N THR A 466 -18.19 -23.11 -7.97
CA THR A 466 -18.68 -23.35 -9.32
C THR A 466 -19.84 -24.32 -9.37
N ASN A 467 -19.84 -25.37 -8.55
CA ASN A 467 -20.87 -26.41 -8.62
C ASN A 467 -21.85 -26.17 -7.45
N TYR A 468 -22.88 -25.36 -7.68
CA TYR A 468 -23.89 -25.08 -6.67
C TYR A 468 -25.27 -25.03 -7.31
N LYS A 469 -26.30 -25.29 -6.52
CA LYS A 469 -27.69 -25.23 -6.97
C LYS A 469 -28.49 -24.44 -5.94
N PHE A 470 -29.03 -23.31 -6.38
CA PHE A 470 -29.92 -22.49 -5.57
C PHE A 470 -31.34 -23.01 -5.64
N ASN A 471 -32.00 -23.11 -4.48
CA ASN A 471 -33.44 -23.30 -4.36
C ASN A 471 -34.03 -22.10 -3.61
N VAL A 472 -34.18 -20.97 -4.30
CA VAL A 472 -34.75 -19.78 -3.67
C VAL A 472 -35.93 -19.31 -4.49
N TYR A 473 -37.07 -19.12 -3.84
CA TYR A 473 -38.31 -18.79 -4.50
C TYR A 473 -38.74 -17.37 -4.17
N ASN A 474 -39.14 -16.63 -5.20
CA ASN A 474 -39.60 -15.25 -5.09
C ASN A 474 -38.55 -14.35 -4.42
N ARG A 475 -37.29 -14.53 -4.79
CA ARG A 475 -36.21 -13.61 -4.44
C ARG A 475 -35.01 -13.95 -5.31
N GLU A 476 -34.29 -12.93 -5.78
CA GLU A 476 -33.18 -13.17 -6.69
C GLU A 476 -31.86 -13.04 -5.93
N ILE A 477 -31.51 -14.11 -5.24
CA ILE A 477 -30.28 -14.16 -4.45
C ILE A 477 -29.16 -14.60 -5.37
N LYS A 478 -28.01 -13.95 -5.24
CA LYS A 478 -26.79 -14.35 -5.92
C LYS A 478 -25.73 -14.69 -4.89
N VAL A 479 -24.72 -15.45 -5.34
CA VAL A 479 -23.66 -15.90 -4.44
C VAL A 479 -22.29 -15.64 -5.06
N ILE A 480 -21.38 -15.19 -4.22
CA ILE A 480 -19.94 -15.13 -4.51
C ILE A 480 -19.26 -15.99 -3.46
N GLY A 481 -18.49 -16.98 -3.91
CA GLY A 481 -17.95 -17.93 -2.97
C GLY A 481 -16.61 -18.53 -3.34
N LEU A 482 -15.98 -19.11 -2.31
CA LEU A 482 -14.70 -19.81 -2.46
C LEU A 482 -14.81 -21.19 -1.83
N GLN A 483 -14.32 -22.20 -2.54
CA GLN A 483 -14.28 -23.58 -2.06
C GLN A 483 -12.82 -23.94 -1.86
N GLY A 484 -12.47 -24.37 -0.64
CA GLY A 484 -11.15 -24.70 -0.27
C GLY A 484 -11.06 -26.12 0.32
N LYS A 485 -9.86 -26.44 0.80
CA LYS A 485 -9.63 -27.79 1.32
C LYS A 485 -10.39 -28.02 2.62
N LYS A 486 -10.53 -27.00 3.45
CA LYS A 486 -11.17 -27.17 4.75
C LYS A 486 -12.27 -26.16 5.00
N TYR A 487 -12.49 -25.22 4.08
CA TYR A 487 -13.57 -24.26 4.26
C TYR A 487 -14.24 -23.96 2.93
N ILE A 488 -15.53 -23.71 2.99
CA ILE A 488 -16.25 -23.01 1.92
C ILE A 488 -16.73 -21.70 2.52
N LEU A 489 -16.51 -20.60 1.79
CA LEU A 489 -16.88 -19.25 2.22
C LEU A 489 -17.84 -18.65 1.20
N LEU A 490 -19.01 -18.22 1.67
CA LEU A 490 -20.04 -17.68 0.81
C LEU A 490 -20.43 -16.28 1.22
N TRP A 491 -20.61 -15.42 0.24
CA TRP A 491 -21.25 -14.12 0.43
C TRP A 491 -22.48 -14.18 -0.47
N LEU A 492 -23.66 -14.03 0.14
CA LEU A 492 -24.96 -14.06 -0.53
C LEU A 492 -25.55 -12.66 -0.53
N TYR A 493 -26.05 -12.21 -1.67
CA TYR A 493 -26.65 -10.89 -1.70
C TYR A 493 -27.94 -10.96 -2.47
N ASN A 494 -28.83 -10.00 -2.15
CA ASN A 494 -30.11 -9.80 -2.81
C ASN A 494 -29.88 -8.83 -3.95
N ALA A 495 -30.03 -9.32 -5.16
CA ALA A 495 -29.62 -8.57 -6.33
C ALA A 495 -30.41 -7.27 -6.46
N LYS A 496 -31.62 -7.22 -5.90
CA LYS A 496 -32.34 -5.96 -5.89
C LYS A 496 -31.77 -5.04 -4.80
N GLU A 497 -31.80 -5.51 -3.56
CA GLU A 497 -31.57 -4.61 -2.45
C GLU A 497 -30.12 -4.13 -2.36
N ALA A 498 -29.17 -4.89 -2.90
CA ALA A 498 -27.77 -4.59 -2.63
C ALA A 498 -27.32 -3.27 -3.21
N TYR A 499 -28.00 -2.78 -4.24
CA TYR A 499 -27.64 -1.55 -4.91
C TYR A 499 -28.58 -0.42 -4.55
N GLN A 500 -29.36 -0.57 -3.49
CA GLN A 500 -30.25 0.45 -2.99
C GLN A 500 -29.66 0.95 -1.68
N TYR A 501 -29.45 2.27 -1.58
CA TYR A 501 -28.64 2.80 -0.48
C TYR A 501 -29.40 3.69 0.49
N LYS A 502 -30.70 3.93 0.28
CA LYS A 502 -31.42 4.88 1.13
C LYS A 502 -31.88 4.27 2.46
N LYS A 503 -31.66 2.99 2.69
CA LYS A 503 -32.23 2.30 3.84
C LYS A 503 -31.26 2.30 5.01
N ASP A 504 -31.80 2.11 6.21
CA ASP A 504 -30.99 2.02 7.41
C ASP A 504 -30.26 0.69 7.44
N ILE A 505 -29.15 0.66 8.17
CA ILE A 505 -28.33 -0.53 8.33
C ILE A 505 -29.20 -1.69 8.81
N PRO A 506 -29.09 -2.87 8.20
CA PRO A 506 -29.93 -3.99 8.62
C PRO A 506 -29.77 -4.30 10.09
N ASN A 507 -30.91 -4.48 10.76
CA ASN A 507 -30.99 -4.94 12.15
C ASN A 507 -31.72 -6.28 12.11
N MET A 508 -30.97 -7.36 11.90
CA MET A 508 -31.56 -8.68 11.73
C MET A 508 -32.16 -9.16 13.04
N ASP A 509 -33.49 -9.32 13.06
CA ASP A 509 -34.18 -9.89 14.22
C ASP A 509 -34.57 -11.34 13.97
N SER A 510 -35.35 -11.58 12.92
CA SER A 510 -35.86 -12.91 12.62
C SER A 510 -34.81 -13.73 11.87
N SER A 511 -34.98 -15.04 11.91
CA SER A 511 -34.10 -15.96 11.20
C SER A 511 -34.93 -17.07 10.55
N LYS A 512 -36.05 -16.68 9.95
CA LYS A 512 -36.89 -17.59 9.20
C LYS A 512 -36.10 -18.27 8.08
N PHE A 513 -36.61 -19.40 7.62
CA PHE A 513 -36.05 -20.09 6.47
C PHE A 513 -36.48 -19.41 5.19
N LEU A 514 -35.53 -19.17 4.29
CA LEU A 514 -35.79 -18.54 3.02
C LEU A 514 -35.61 -19.48 1.85
N GLY A 515 -34.55 -20.28 1.85
CA GLY A 515 -34.23 -21.10 0.71
C GLY A 515 -33.04 -21.97 1.05
N SER A 516 -32.38 -22.48 0.03
CA SER A 516 -31.23 -23.34 0.28
C SER A 516 -30.24 -23.28 -0.86
N ILE A 517 -29.02 -23.72 -0.56
CA ILE A 517 -27.96 -23.93 -1.54
C ILE A 517 -27.40 -25.33 -1.35
N GLU A 518 -27.34 -26.11 -2.43
CA GLU A 518 -26.75 -27.44 -2.41
C GLU A 518 -25.33 -27.36 -2.93
N LEU A 519 -24.40 -27.98 -2.20
CA LEU A 519 -22.99 -27.89 -2.53
C LEU A 519 -22.38 -29.29 -2.65
N LEU A 520 -21.33 -29.38 -3.47
CA LEU A 520 -20.61 -30.63 -3.72
C LEU A 520 -19.61 -30.84 -2.58
N ILE A 521 -20.08 -31.44 -1.48
CA ILE A 521 -19.25 -31.63 -0.31
C ILE A 521 -19.60 -32.94 0.38
N LYS A 522 -18.75 -33.32 1.34
CA LYS A 522 -18.88 -34.57 2.07
C LYS A 522 -19.22 -34.28 3.52
N PRO A 523 -20.41 -34.62 4.00
CA PRO A 523 -20.72 -34.42 5.43
C PRO A 523 -19.81 -35.23 6.30
N PRO A 524 -19.72 -34.92 7.61
CA PRO A 524 -20.44 -33.79 8.23
C PRO A 524 -19.79 -32.43 7.95
N ILE A 525 -20.54 -31.36 8.20
CA ILE A 525 -20.05 -29.99 8.04
C ILE A 525 -20.66 -29.15 9.14
N LYS A 526 -20.02 -28.03 9.44
CA LYS A 526 -20.53 -27.07 10.41
C LYS A 526 -20.73 -25.74 9.70
N VAL A 527 -21.92 -25.17 9.83
CA VAL A 527 -22.32 -24.00 9.06
C VAL A 527 -22.47 -22.84 10.03
N ILE A 528 -21.76 -21.76 9.75
CA ILE A 528 -21.82 -20.55 10.55
C ILE A 528 -22.43 -19.47 9.69
N TYR A 529 -23.50 -18.89 10.19
CA TYR A 529 -24.18 -17.76 9.59
C TYR A 529 -23.71 -16.47 10.26
N TYR A 530 -23.31 -15.51 9.44
CA TYR A 530 -22.52 -14.37 9.92
C TYR A 530 -23.16 -13.08 9.44
N ASP A 531 -23.48 -12.20 10.41
CA ASP A 531 -24.06 -10.89 10.15
C ASP A 531 -22.94 -9.96 9.74
N THR A 532 -22.94 -9.56 8.48
CA THR A 532 -21.87 -8.76 7.89
C THR A 532 -21.89 -7.30 8.31
N TYR A 533 -22.93 -6.87 9.01
CA TYR A 533 -23.01 -5.50 9.51
C TYR A 533 -22.65 -5.43 10.99
N ARG A 534 -23.22 -6.31 11.80
CA ARG A 534 -22.83 -6.32 13.20
C ARG A 534 -21.51 -7.05 13.40
N GLY A 535 -21.08 -7.85 12.43
CA GLY A 535 -19.86 -8.61 12.55
C GLY A 535 -19.93 -9.65 13.65
N GLU A 536 -20.92 -10.53 13.59
CA GLU A 536 -21.09 -11.53 14.63
C GLU A 536 -21.75 -12.76 14.03
N LYS A 537 -21.51 -13.90 14.68
CA LYS A 537 -22.21 -15.13 14.34
C LYS A 537 -23.67 -15.00 14.72
N ILE A 538 -24.55 -15.38 13.80
CA ILE A 538 -26.00 -15.33 14.01
C ILE A 538 -26.51 -16.66 14.50
N LYS A 539 -25.93 -17.72 13.96
CA LYS A 539 -26.46 -19.06 14.15
C LYS A 539 -25.44 -20.05 13.63
N GLU A 540 -25.41 -21.21 14.27
CA GLU A 540 -24.49 -22.29 13.96
C GLU A 540 -25.30 -23.56 13.80
N LEU A 541 -24.98 -24.35 12.78
CA LEU A 541 -25.79 -25.53 12.45
C LEU A 541 -24.82 -26.65 12.10
N ASP A 542 -24.89 -27.74 12.84
CA ASP A 542 -24.21 -28.96 12.45
C ASP A 542 -25.09 -29.75 11.48
N LEU A 543 -24.56 -30.08 10.32
CA LEU A 543 -25.35 -30.72 9.28
C LEU A 543 -24.75 -32.05 8.87
N ASP A 544 -25.64 -32.99 8.56
CA ASP A 544 -25.25 -34.31 8.11
C ASP A 544 -25.51 -34.54 6.62
N LYS A 545 -26.01 -33.55 5.89
CA LYS A 545 -26.22 -33.66 4.46
C LYS A 545 -25.77 -32.35 3.82
N ASN A 546 -25.78 -32.31 2.49
CA ASN A 546 -25.15 -31.23 1.74
C ASN A 546 -26.12 -30.15 1.30
N VAL A 547 -27.29 -30.05 1.93
CA VAL A 547 -28.27 -29.01 1.62
C VAL A 547 -28.21 -27.98 2.75
N ILE A 548 -27.71 -26.80 2.42
CA ILE A 548 -27.43 -25.75 3.40
C ILE A 548 -28.60 -24.78 3.41
N PRO A 549 -29.35 -24.67 4.49
CA PRO A 549 -30.42 -23.67 4.53
C PRO A 549 -29.88 -22.25 4.49
N ILE A 550 -30.63 -21.38 3.82
CA ILE A 550 -30.38 -19.95 3.79
C ILE A 550 -31.44 -19.30 4.66
N ILE A 551 -31.01 -18.66 5.73
CA ILE A 551 -31.92 -17.93 6.60
C ILE A 551 -32.22 -16.58 5.96
N GLU A 552 -33.29 -15.94 6.46
CA GLU A 552 -33.72 -14.68 5.90
C GLU A 552 -32.69 -13.59 6.20
N PHE A 553 -32.48 -12.69 5.24
CA PHE A 553 -31.58 -11.55 5.41
C PHE A 553 -32.12 -10.42 4.54
N GLU A 554 -31.72 -9.19 4.87
CA GLU A 554 -32.25 -8.04 4.15
C GLU A 554 -31.48 -7.78 2.86
N ARG A 555 -30.17 -7.66 2.96
CA ARG A 555 -29.31 -7.20 1.87
C ARG A 555 -28.29 -8.25 1.48
N ASP A 556 -27.55 -8.75 2.45
CA ASP A 556 -26.51 -9.72 2.19
C ASP A 556 -26.18 -10.45 3.48
N LEU A 557 -25.53 -11.59 3.32
CA LEU A 557 -25.29 -12.54 4.40
C LEU A 557 -24.04 -13.35 4.08
N ALA A 558 -23.22 -13.56 5.10
CA ALA A 558 -22.06 -14.42 4.92
C ALA A 558 -22.30 -15.75 5.59
N ILE A 559 -21.72 -16.79 5.00
CA ILE A 559 -21.79 -18.15 5.52
C ILE A 559 -20.39 -18.75 5.46
N LYS A 560 -19.96 -19.34 6.58
CA LYS A 560 -18.68 -20.04 6.68
C LYS A 560 -18.98 -21.51 6.95
N ILE A 561 -18.49 -22.38 6.06
CA ILE A 561 -18.76 -23.82 6.14
C ILE A 561 -17.43 -24.53 6.38
N GLU A 562 -17.36 -25.30 7.46
CA GLU A 562 -16.17 -26.06 7.76
C GLU A 562 -16.38 -27.51 7.35
N LEU A 563 -15.49 -28.01 6.49
CA LEU A 563 -15.49 -29.40 6.05
C LEU A 563 -14.92 -30.24 7.18
N LEU A 564 -15.80 -30.86 7.97
CA LEU A 564 -15.34 -31.71 9.07
C LEU A 564 -14.92 -33.08 8.56
N GLY A 565 -15.65 -33.65 7.62
CA GLY A 565 -15.31 -34.93 7.06
C GLY A 565 -14.19 -34.85 6.04
O1 P6G B . 9.16 -18.65 9.86
C2 P6G B . 9.73 -19.07 8.65
C3 P6G B . 8.63 -19.48 7.67
O4 P6G B . 7.72 -20.38 8.26
C5 P6G B . 6.77 -20.86 7.35
C6 P6G B . 5.34 -20.98 7.90
O7 P6G B . 5.06 -20.09 8.93
C8 P6G B . 4.10 -20.43 9.91
C9 P6G B . 3.84 -19.22 10.80
O10 P6G B . 4.85 -18.99 11.75
C11 P6G B . 4.81 -17.72 12.35
C12 P6G B . 5.93 -17.58 13.38
O13 P6G B . 7.16 -17.42 12.72
C14 P6G B . 8.28 -17.39 13.57
C15 P6G B . 8.81 -18.83 13.67
O16 P6G B . 9.75 -18.98 14.69
C17 P6G B . 9.84 -20.28 15.21
C18 P6G B . 10.18 -21.30 14.14
O19 P6G B . 11.30 -20.85 13.42
H1 P6G B . 8.41 -18.27 9.71
H21 P6G B . 10.30 -19.84 8.81
H22 P6G B . 10.25 -18.36 8.27
H31 P6G B . 8.14 -18.69 7.40
H32 P6G B . 9.03 -19.90 6.90
H51 P6G B . 7.05 -21.74 7.06
H52 P6G B . 6.75 -20.25 6.59
H61 P6G B . 4.72 -20.81 7.17
H62 P6G B . 5.22 -21.89 8.22
H81 P6G B . 3.28 -20.69 9.47
H82 P6G B . 4.43 -21.16 10.45
H91 P6G B . 3.77 -18.43 10.24
H92 P6G B . 3.00 -19.35 11.28
H111 P6G B . 4.93 -17.04 11.66
H112 P6G B . 3.95 -17.60 12.79
H121 P6G B . 5.77 -16.82 13.94
H122 P6G B . 5.96 -18.39 13.92
H141 P6G B . 8.96 -16.82 13.21
H142 P6G B . 8.02 -17.07 14.45
H151 P6G B . 8.06 -19.42 13.86
H152 P6G B . 9.22 -19.07 12.83
H171 P6G B . 10.52 -20.30 15.89
H172 P6G B . 8.98 -20.52 15.60
H181 P6G B . 10.39 -22.14 14.55
H182 P6G B . 9.44 -21.40 13.53
H19 P6G B . 11.33 -20.00 13.43
C1 PGE C . -6.03 -23.88 -7.09
O1 PGE C . -6.53 -23.08 -8.16
C2 PGE C . -5.60 -22.96 -5.97
O2 PGE C . -4.25 -22.62 -6.17
C3 PGE C . -3.36 -23.23 -5.27
C4 PGE C . -2.03 -22.46 -5.32
O4 PGE C . 1.61 -20.92 -6.30
C6 PGE C . 0.82 -22.03 -6.70
C5 PGE C . -0.59 -21.51 -6.94
O3 PGE C . -1.52 -22.51 -6.63
H1 PGE C . -5.17 -24.49 -7.41
H12 PGE C . -6.80 -24.57 -6.71
HO1 PGE C . -6.81 -23.68 -8.87
H2 PGE C . -5.75 -23.47 -4.99
H22 PGE C . -6.24 -22.06 -5.97
H3 PGE C . -3.17 -24.28 -5.55
H32 PGE C . -3.74 -23.21 -4.24
H4 PGE C . -1.32 -22.93 -4.61
H42 PGE C . -2.20 -21.43 -4.99
HO4 PGE C . 1.16 -20.11 -6.61
H6 PGE C . 0.78 -22.82 -5.93
H62 PGE C . 1.20 -22.49 -7.64
H5 PGE C . -0.67 -21.19 -7.99
H52 PGE C . -0.75 -20.62 -6.30
C1 PGE D . 18.54 18.51 16.81
O1 PGE D . 18.99 18.11 18.10
C2 PGE D . 19.61 18.18 15.80
O2 PGE D . 20.70 19.06 16.01
C3 PGE D . 21.63 19.04 14.94
C4 PGE D . 22.82 19.90 15.35
O4 PGE D . 21.93 23.50 17.07
C6 PGE D . 22.82 23.52 15.96
C5 PGE D . 23.42 22.13 15.80
O3 PGE D . 22.42 21.25 15.36
H1 PGE D . 18.33 19.59 16.76
H12 PGE D . 17.62 17.97 16.51
HO1 PGE D . 18.30 18.32 18.74
H2 PGE D . 19.20 18.29 14.77
H22 PGE D . 19.93 17.13 15.92
H3 PGE D . 21.18 19.46 14.02
H32 PGE D . 21.97 18.02 14.72
H4 PGE D . 23.64 19.74 14.62
H42 PGE D . 23.17 19.57 16.34
HO4 PGE D . 21.71 22.58 17.26
H6 PGE D . 23.63 24.24 16.09
H62 PGE D . 22.29 23.77 15.02
H5 PGE D . 23.85 21.82 16.77
H52 PGE D . 24.26 22.18 15.07
C1 PGE E . 18.94 -14.10 5.06
O1 PGE E . 17.60 -14.36 4.65
C2 PGE E . 19.25 -12.66 4.69
O2 PGE E . 18.72 -12.44 3.40
C3 PGE E . 19.63 -11.80 2.53
C4 PGE E . 19.04 -10.47 2.08
O4 PGE E . 15.52 -10.79 -0.09
C6 PGE E . 15.67 -9.69 0.79
C5 PGE E . 17.15 -9.49 1.09
O3 PGE E . 17.69 -10.65 1.68
H1 PGE E . 19.65 -14.76 4.55
H12 PGE E . 19.07 -14.23 6.14
HO1 PGE E . 17.20 -13.52 4.41
H2 PGE E . 20.34 -12.50 4.72
H22 PGE E . 18.80 -11.99 5.44
H3 PGE E . 19.82 -12.43 1.63
H32 PGE E . 20.60 -11.61 3.02
H4 PGE E . 19.64 -10.09 1.23
H42 PGE E . 19.11 -9.75 2.89
HO4 PGE E . 16.19 -11.45 0.14
H6 PGE E . 15.14 -9.85 1.74
H62 PGE E . 15.28 -8.76 0.34
H5 PGE E . 17.67 -9.25 0.14
H52 PGE E . 17.25 -8.62 1.75
C1 PGE F . -1.73 2.88 -25.90
O1 PGE F . -1.56 1.49 -25.62
C2 PGE F . -1.69 3.65 -24.58
O2 PGE F . -3.01 3.95 -24.18
C3 PGE F . -3.09 4.55 -22.89
C4 PGE F . -4.23 3.96 -22.07
O4 PGE F . -6.13 0.32 -23.35
C6 PGE F . -6.69 1.63 -23.40
C5 PGE F . -6.05 2.47 -22.31
O3 PGE F . -5.29 3.53 -22.88
H1 PGE F . -2.68 3.09 -26.39
H12 PGE F . -0.92 3.27 -26.53
HO1 PGE F . -2.15 1.01 -26.20
H2 PGE F . -1.11 4.57 -24.73
H22 PGE F . -1.18 3.04 -23.82
H3 PGE F . -2.15 4.41 -22.34
H32 PGE F . -3.27 5.64 -22.97
H4 PGE F . -4.57 4.73 -21.35
H42 PGE F . -3.82 3.11 -21.48
HO4 PGE F . -6.14 0.03 -22.44
H6 PGE F . -7.79 1.62 -23.22
H62 PGE F . -6.51 2.12 -24.37
H5 PGE F . -5.40 1.81 -21.70
H52 PGE F . -6.84 2.87 -21.65
O1 PG4 G . 4.23 5.86 21.66
C1 PG4 G . 2.88 6.23 21.57
C2 PG4 G . 2.79 7.57 20.87
O2 PG4 G . 2.10 7.46 19.66
C3 PG4 G . 2.11 8.60 18.87
C4 PG4 G . 2.48 8.20 17.45
O3 PG4 G . 3.64 8.87 17.07
C5 PG4 G . 4.08 8.58 15.77
C6 PG4 G . 5.44 9.22 15.58
O4 PG4 G . 6.35 8.40 16.24
C7 PG4 G . 7.37 9.05 16.92
C8 PG4 G . 8.50 8.04 17.11
O5 PG4 G . 8.42 7.52 18.42
HO1 PG4 G . 4.33 5.05 21.39
H11 PG4 G . 2.50 6.29 22.46
H12 PG4 G . 2.40 5.57 21.05
H21 PG4 G . 3.68 7.91 20.70
H22 PG4 G . 2.32 8.21 21.45
H31 PG4 G . 2.78 9.23 19.21
H32 PG4 G . 1.25 9.02 18.88
H41 PG4 G . 2.63 7.24 17.41
H42 PG4 G . 1.76 8.45 16.85
H51 PG4 G . 3.45 8.95 15.12
H52 PG4 G . 4.14 7.62 15.64
H61 PG4 G . 5.46 10.11 15.97
H62 PG4 G . 5.66 9.28 14.63
H71 PG4 G . 7.05 9.36 17.79
H72 PG4 G . 7.69 9.81 16.41
H81 PG4 G . 9.35 8.48 16.97
H82 PG4 G . 8.39 7.32 16.47
HO5 PG4 G . 8.48 8.17 18.97
O1 PG4 H . 27.57 14.38 18.17
C1 PG4 H . 27.69 13.13 17.56
C2 PG4 H . 27.04 13.16 16.18
O2 PG4 H . 25.72 13.60 16.29
C3 PG4 H . 25.07 13.73 15.06
C4 PG4 H . 23.61 14.16 15.28
O3 PG4 H . 22.95 13.17 16.02
C5 PG4 H . 21.58 13.41 16.18
C6 PG4 H . 21.00 12.35 17.12
O4 PG4 H . 20.86 12.96 18.36
C7 PG4 H . 20.96 12.13 19.49
C8 PG4 H . 21.19 13.03 20.71
O5 PG4 H . 20.27 14.09 20.67
HO1 PG4 H . 27.04 14.86 17.73
H11 PG4 H . 27.26 12.46 18.10
H12 PG4 H . 28.64 12.90 17.46
H21 PG4 H . 27.06 12.26 15.79
H22 PG4 H . 27.54 13.76 15.59
H31 PG4 H . 25.08 12.88 14.59
H32 PG4 H . 25.52 14.41 14.52
H41 PG4 H . 23.18 14.27 14.43
H42 PG4 H . 23.60 14.99 15.77
H51 PG4 H . 21.14 13.35 15.32
H52 PG4 H . 21.44 14.29 16.56
H61 PG4 H . 21.61 11.61 17.18
H62 PG4 H . 20.14 12.04 16.80
H71 PG4 H . 21.70 11.52 19.38
H72 PG4 H . 20.14 11.63 19.60
H81 PG4 H . 22.09 13.38 20.67
H82 PG4 H . 21.07 12.52 21.51
HO5 PG4 H . 19.84 14.07 19.94
C TRS I . -8.48 8.94 -8.70
C1 TRS I . -9.62 9.38 -7.80
C2 TRS I . -8.21 10.15 -9.63
C3 TRS I . -7.34 8.94 -7.65
N TRS I . -8.57 7.55 -9.35
O1 TRS I . -10.82 9.74 -8.47
O2 TRS I . -7.98 11.40 -8.96
O3 TRS I . -6.22 8.28 -8.20
H11 TRS I . -9.29 10.24 -7.21
H12 TRS I . -9.84 8.57 -7.11
H21 TRS I . -9.06 10.27 -10.30
H22 TRS I . -7.34 9.93 -10.25
H31 TRS I . -7.67 8.43 -6.75
H32 TRS I . -7.07 9.96 -7.38
HN1 TRS I . -8.82 6.75 -8.77
HN2 TRS I . -7.77 7.14 -9.80
HN3 TRS I . -9.24 7.38 -10.10
HO1 TRS I . -10.73 9.53 -9.42
HO2 TRS I . -7.82 12.10 -9.62
HO3 TRS I . -5.49 8.25 -7.54
C1 MLT J . -15.71 16.64 -2.06
O1 MLT J . -16.71 17.23 -1.60
O2 MLT J . -14.66 16.66 -1.42
C2 MLT J . -15.79 15.94 -3.39
O3 MLT J . -16.18 14.60 -3.20
C3 MLT J . -14.41 15.95 -4.05
C4 MLT J . -14.47 15.52 -5.51
O4 MLT J . -13.44 15.09 -6.08
O5 MLT J . -15.55 15.64 -6.15
H2 MLT J . -16.50 16.47 -4.03
HO3 MLT J . -15.48 14.01 -3.54
H31 MLT J . -13.98 16.96 -4.00
H32 MLT J . -13.75 15.28 -3.51
OH2 1PE K . -3.30 22.77 -5.79
C12 1PE K . -4.27 22.11 -6.56
C22 1PE K . -4.77 20.90 -5.76
OH3 1PE K . -5.79 20.23 -6.46
C13 1PE K . -6.99 18.87 -4.95
C23 1PE K . -5.95 18.91 -6.07
OH4 1PE K . -6.53 18.06 -3.91
C14 1PE K . -5.71 17.80 -1.68
C24 1PE K . -6.35 18.74 -2.70
OH5 1PE K . -4.68 18.49 -1.01
C15 1PE K . -3.72 19.37 1.01
C25 1PE K . -4.96 18.79 0.33
OH6 1PE K . -4.17 20.26 1.99
C16 1PE K . -3.08 21.99 3.24
C26 1PE K . -3.59 21.54 1.86
OH7 1PE K . -1.83 22.59 3.04
HO2 1PE K . -3.00 23.43 -6.24
H121 1PE K . -5.02 22.71 -6.73
H122 1PE K . -3.89 21.81 -7.40
H221 1PE K . -4.03 20.28 -5.63
H222 1PE K . -5.11 21.19 -4.91
H131 1PE K . -7.15 19.76 -4.62
H132 1PE K . -7.81 18.50 -5.30
H231 1PE K . -6.25 18.38 -6.82
H232 1PE K . -5.11 18.56 -5.75
H141 1PE K . -6.38 17.50 -1.04
H142 1PE K . -5.33 17.03 -2.13
H241 1PE K . -5.76 19.50 -2.85
H242 1PE K . -7.20 19.05 -2.37
H151 1PE K . -3.21 18.66 1.42
H152 1PE K . -3.17 19.84 0.36
H251 1PE K . -5.68 19.45 0.35
H252 1PE K . -5.24 17.99 0.79
H161 1PE K . -3.70 22.64 3.62
H162 1PE K . -2.99 21.24 3.83
H261 1PE K . -2.85 21.49 1.24
H262 1PE K . -4.25 22.16 1.53
HO7 1PE K . -1.51 22.82 3.79
#